data_2LN8
#
_entry.id   2LN8
#
_entity_poly.entity_id   1
_entity_poly.type   'polypeptide(L)'
_entity_poly.pdbx_seq_one_letter_code
;GCFEDWSRCSPSTASATGVLWRSCDSYCKVCFKADRGECYDSPSLNCPHRLPNNKQCRCINARTAKDNRNPTCWA
;
_entity_poly.pdbx_strand_id   A
#
# COMPACT_ATOMS: atom_id res chain seq x y z
N GLY A 1 6.46 10.50 -8.39
CA GLY A 1 5.19 11.20 -8.28
C GLY A 1 3.99 10.29 -8.53
N CYS A 2 3.96 9.15 -7.89
CA CYS A 2 2.85 8.24 -7.99
C CYS A 2 2.20 8.04 -6.61
N PHE A 3 1.29 8.93 -6.33
CA PHE A 3 0.76 9.19 -4.99
C PHE A 3 -0.23 8.21 -4.30
N GLU A 4 -1.09 7.51 -5.02
CA GLU A 4 -2.23 6.76 -4.38
C GLU A 4 -1.85 5.77 -3.22
N ASP A 5 -0.84 4.93 -3.40
CA ASP A 5 -0.43 3.96 -2.34
C ASP A 5 0.50 4.65 -1.40
N TRP A 6 1.26 5.62 -1.94
CA TRP A 6 2.06 6.51 -1.13
C TRP A 6 1.15 7.23 -0.08
N SER A 7 -0.12 7.39 -0.43
CA SER A 7 -1.12 8.03 0.40
C SER A 7 -1.67 7.12 1.51
N ARG A 8 -1.44 5.80 1.43
CA ARG A 8 -2.01 4.87 2.43
C ARG A 8 -1.64 5.24 3.85
N CYS A 9 -0.48 5.78 4.01
CA CYS A 9 -0.07 6.26 5.34
C CYS A 9 0.23 7.75 5.32
N SER A 10 0.06 8.37 4.16
CA SER A 10 0.30 9.79 4.01
C SER A 10 -1.03 10.47 3.65
N PRO A 11 -1.71 11.06 4.64
CA PRO A 11 -3.00 11.71 4.41
C PRO A 11 -2.87 12.98 3.57
N SER A 12 -3.00 12.81 2.28
CA SER A 12 -2.99 13.92 1.36
C SER A 12 -3.95 13.63 0.20
N THR A 13 -3.54 12.79 -0.73
CA THR A 13 -4.38 12.45 -1.84
C THR A 13 -5.27 11.24 -1.55
N ALA A 14 -6.45 11.52 -1.04
CA ALA A 14 -7.40 10.49 -0.74
C ALA A 14 -8.04 9.96 -2.02
N SER A 15 -7.49 8.90 -2.54
CA SER A 15 -8.00 8.26 -3.72
C SER A 15 -7.72 6.76 -3.65
N ALA A 16 -8.58 5.97 -4.30
CA ALA A 16 -8.47 4.52 -4.39
C ALA A 16 -9.55 4.01 -5.35
N THR A 17 -9.27 2.98 -6.13
CA THR A 17 -10.24 2.39 -7.08
C THR A 17 -9.79 0.94 -7.45
N GLY A 18 -10.75 0.03 -7.60
CA GLY A 18 -10.47 -1.35 -8.08
C GLY A 18 -9.55 -2.13 -7.15
N VAL A 19 -8.26 -2.13 -7.47
CA VAL A 19 -7.24 -2.81 -6.67
C VAL A 19 -7.13 -2.12 -5.29
N LEU A 20 -7.58 -0.84 -5.27
CA LEU A 20 -7.71 0.01 -4.08
C LEU A 20 -6.38 0.65 -3.69
N TRP A 21 -5.31 0.15 -4.27
CA TRP A 21 -3.92 0.54 -3.93
C TRP A 21 -3.77 0.54 -2.42
N ARG A 22 -3.94 -0.63 -1.89
CA ARG A 22 -3.91 -0.90 -0.46
C ARG A 22 -2.62 -1.55 -0.10
N SER A 23 -1.76 -1.60 -1.09
CA SER A 23 -0.52 -2.32 -1.12
C SER A 23 0.38 -2.04 0.06
N CYS A 24 0.39 -0.82 0.53
CA CYS A 24 1.30 -0.49 1.54
C CYS A 24 0.87 -0.81 2.99
N ASP A 25 0.67 0.24 3.82
CA ASP A 25 0.45 0.06 5.26
C ASP A 25 -0.77 -0.78 5.55
N SER A 26 -1.80 -0.61 4.74
CA SER A 26 -3.04 -1.34 4.90
C SER A 26 -2.79 -2.85 4.73
N TYR A 27 -2.08 -3.21 3.68
CA TYR A 27 -1.79 -4.59 3.34
C TYR A 27 -0.75 -5.19 4.29
N CYS A 28 0.35 -4.50 4.51
CA CYS A 28 1.38 -4.99 5.39
C CYS A 28 0.87 -5.21 6.83
N LYS A 29 -0.19 -4.50 7.22
CA LYS A 29 -0.63 -4.45 8.58
C LYS A 29 -1.30 -5.73 8.93
N VAL A 30 -2.23 -6.08 8.11
CA VAL A 30 -3.05 -7.16 8.34
C VAL A 30 -2.51 -8.46 7.77
N CYS A 31 -1.82 -8.37 6.66
CA CYS A 31 -1.38 -9.56 5.97
C CYS A 31 -0.11 -10.12 6.52
N PHE A 32 0.94 -9.34 6.50
CA PHE A 32 2.23 -9.79 6.97
C PHE A 32 2.42 -9.36 8.40
N LYS A 33 1.31 -8.92 8.98
CA LYS A 33 1.21 -8.37 10.31
C LYS A 33 2.40 -7.54 10.73
N ALA A 34 2.77 -6.66 9.79
CA ALA A 34 3.87 -5.75 9.89
C ALA A 34 3.53 -4.64 10.84
N ASP A 35 4.50 -3.85 11.17
CA ASP A 35 4.28 -2.81 12.12
C ASP A 35 3.75 -1.63 11.39
N ARG A 36 4.31 -1.41 10.22
CA ARG A 36 3.87 -0.33 9.40
C ARG A 36 4.34 -0.54 8.01
N GLY A 37 3.81 0.21 7.12
CA GLY A 37 4.24 0.18 5.78
C GLY A 37 4.94 1.47 5.45
N GLU A 38 5.88 1.42 4.58
CA GLU A 38 6.55 2.57 4.14
C GLU A 38 5.93 2.93 2.80
N CYS A 39 5.11 3.96 2.79
CA CYS A 39 4.38 4.33 1.60
C CYS A 39 5.18 5.31 0.80
N TYR A 40 5.93 4.81 -0.08
CA TYR A 40 6.69 5.60 -0.98
C TYR A 40 6.18 5.35 -2.33
N ASP A 41 6.45 6.22 -3.24
CA ASP A 41 6.02 6.02 -4.57
C ASP A 41 7.22 5.77 -5.45
N SER A 42 6.99 5.11 -6.57
CA SER A 42 8.02 4.92 -7.56
C SER A 42 8.45 6.30 -8.14
N PRO A 43 9.65 6.81 -7.77
CA PRO A 43 10.08 8.17 -8.11
C PRO A 43 10.39 8.35 -9.60
N SER A 44 10.56 7.24 -10.28
CA SER A 44 10.86 7.22 -11.68
C SER A 44 9.62 7.57 -12.52
N LEU A 45 8.46 7.51 -11.89
CA LEU A 45 7.23 7.80 -12.56
C LEU A 45 6.50 8.91 -11.88
N ASN A 46 5.76 9.64 -12.65
CA ASN A 46 4.90 10.67 -12.15
C ASN A 46 3.58 10.46 -12.83
N CYS A 47 2.73 9.77 -12.15
CA CYS A 47 1.50 9.35 -12.73
C CYS A 47 0.30 9.93 -11.92
N PRO A 48 -0.68 10.59 -12.62
CA PRO A 48 -1.80 11.25 -11.96
C PRO A 48 -3.08 10.39 -11.84
N HIS A 49 -3.15 9.61 -10.74
CA HIS A 49 -4.29 8.71 -10.39
C HIS A 49 -4.43 7.49 -11.26
N ARG A 50 -5.01 6.44 -10.67
CA ARG A 50 -5.19 5.15 -11.33
C ARG A 50 -3.87 4.64 -11.75
N LEU A 51 -2.99 4.67 -10.77
CA LEU A 51 -1.56 4.39 -10.89
C LEU A 51 -1.29 2.92 -10.87
N PRO A 52 -1.26 2.28 -11.98
CA PRO A 52 -1.21 0.82 -12.00
C PRO A 52 0.14 0.26 -11.61
N ASN A 53 1.03 1.16 -11.36
CA ASN A 53 2.36 0.83 -10.92
C ASN A 53 2.46 0.95 -9.44
N ASN A 54 1.60 1.78 -8.88
CA ASN A 54 1.70 2.23 -7.52
C ASN A 54 1.27 1.22 -6.46
N LYS A 55 1.99 0.24 -6.50
CA LYS A 55 2.00 -0.82 -5.58
C LYS A 55 3.46 -0.98 -5.14
N GLN A 56 3.87 -0.25 -4.10
CA GLN A 56 5.25 -0.30 -3.66
C GLN A 56 5.32 0.08 -2.20
N CYS A 57 5.83 -0.82 -1.40
CA CYS A 57 5.86 -0.58 0.01
C CYS A 57 6.75 -1.58 0.68
N ARG A 58 7.33 -1.17 1.75
CA ARG A 58 8.04 -2.08 2.62
C ARG A 58 7.21 -2.35 3.86
N CYS A 59 7.17 -3.58 4.26
CA CYS A 59 6.42 -4.01 5.40
C CYS A 59 7.40 -4.10 6.53
N ILE A 60 7.35 -3.16 7.40
CA ILE A 60 8.33 -3.03 8.46
C ILE A 60 7.97 -3.95 9.54
N ASN A 61 8.91 -4.71 10.02
CA ASN A 61 8.67 -5.61 11.15
C ASN A 61 7.57 -6.59 10.83
N ALA A 62 7.52 -7.02 9.57
CA ALA A 62 6.55 -8.00 9.17
C ALA A 62 6.75 -9.27 9.95
N ARG A 63 5.73 -9.67 10.62
CA ARG A 63 5.78 -10.76 11.55
C ARG A 63 5.28 -12.04 10.94
N THR A 64 4.53 -11.91 9.88
CA THR A 64 4.00 -13.08 9.22
C THR A 64 4.25 -13.06 7.74
N ALA A 65 3.90 -14.15 7.12
CA ALA A 65 3.96 -14.34 5.69
C ALA A 65 2.63 -13.94 5.09
N LYS A 66 2.54 -13.92 3.73
CA LYS A 66 1.33 -13.66 3.00
C LYS A 66 0.21 -14.47 3.63
N ASP A 67 -0.75 -13.78 4.05
CA ASP A 67 -1.84 -14.35 4.82
C ASP A 67 -3.16 -14.01 4.17
N ASN A 68 -4.14 -14.86 4.37
CA ASN A 68 -5.44 -14.80 3.68
C ASN A 68 -6.64 -14.50 4.59
N ARG A 69 -6.40 -14.24 5.87
CA ARG A 69 -7.53 -14.14 6.84
C ARG A 69 -8.35 -12.86 6.69
N ASN A 70 -7.85 -11.93 5.95
CA ASN A 70 -8.51 -10.65 5.81
C ASN A 70 -8.86 -10.44 4.36
N PRO A 71 -10.12 -10.03 4.06
CA PRO A 71 -10.55 -9.68 2.70
C PRO A 71 -9.60 -8.67 2.03
N THR A 72 -8.99 -7.79 2.82
CA THR A 72 -8.06 -6.81 2.26
C THR A 72 -6.70 -7.45 1.93
N CYS A 73 -6.50 -8.69 2.37
CA CYS A 73 -5.31 -9.45 2.02
C CYS A 73 -5.54 -10.27 0.78
N TRP A 74 -6.74 -10.22 0.21
CA TRP A 74 -6.98 -11.00 -0.97
C TRP A 74 -6.44 -10.26 -2.18
N ALA A 75 -5.19 -10.59 -2.42
CA ALA A 75 -4.30 -10.13 -3.45
C ALA A 75 -2.95 -10.48 -2.88
N GLY A 1 5.73 7.67 -10.26
CA GLY A 1 4.73 8.77 -10.35
C GLY A 1 3.36 8.38 -9.79
N CYS A 2 3.34 7.37 -8.96
CA CYS A 2 2.17 6.84 -8.38
C CYS A 2 1.90 7.54 -7.04
N PHE A 3 1.31 8.71 -7.13
CA PHE A 3 1.15 9.59 -6.00
C PHE A 3 0.00 9.28 -5.02
N GLU A 4 -1.08 8.69 -5.50
CA GLU A 4 -2.28 8.52 -4.68
C GLU A 4 -2.10 7.62 -3.45
N ASP A 5 -1.43 6.47 -3.57
CA ASP A 5 -1.25 5.66 -2.35
C ASP A 5 -0.08 6.23 -1.56
N TRP A 6 0.88 6.82 -2.25
CA TRP A 6 1.95 7.60 -1.60
C TRP A 6 1.34 8.72 -0.67
N SER A 7 0.13 9.13 -0.99
CA SER A 7 -0.57 10.12 -0.20
C SER A 7 -1.21 9.54 1.08
N ARG A 8 -1.32 8.20 1.17
CA ARG A 8 -1.95 7.55 2.36
C ARG A 8 -1.22 7.93 3.61
N CYS A 9 0.08 8.02 3.48
CA CYS A 9 0.95 8.31 4.58
C CYS A 9 0.88 9.80 4.96
N SER A 10 0.12 10.56 4.21
CA SER A 10 -0.14 11.92 4.54
C SER A 10 -1.56 11.97 5.12
N PRO A 11 -1.80 12.76 6.19
CA PRO A 11 -3.13 12.87 6.84
C PRO A 11 -4.18 13.57 5.95
N SER A 12 -3.86 13.71 4.70
CA SER A 12 -4.72 14.32 3.73
C SER A 12 -5.70 13.28 3.18
N THR A 13 -5.42 12.00 3.41
CA THR A 13 -6.28 10.96 2.92
C THR A 13 -6.80 10.07 4.07
N ALA A 14 -5.88 9.32 4.70
CA ALA A 14 -6.18 8.44 5.86
C ALA A 14 -7.24 7.37 5.54
N SER A 15 -7.41 7.10 4.26
CA SER A 15 -8.41 6.18 3.81
C SER A 15 -7.83 4.76 3.70
N ALA A 16 -8.58 3.78 4.18
CA ALA A 16 -8.16 2.37 4.15
C ALA A 16 -8.89 1.62 3.02
N THR A 17 -9.26 2.34 2.00
CA THR A 17 -9.95 1.77 0.88
C THR A 17 -9.18 2.06 -0.40
N GLY A 18 -8.90 1.01 -1.16
CA GLY A 18 -8.19 1.14 -2.38
C GLY A 18 -8.33 -0.14 -3.17
N VAL A 19 -7.54 -0.29 -4.21
CA VAL A 19 -7.65 -1.47 -5.07
C VAL A 19 -6.72 -2.56 -4.55
N LEU A 20 -5.48 -2.59 -5.02
CA LEU A 20 -4.49 -3.53 -4.47
C LEU A 20 -3.70 -2.79 -3.42
N TRP A 21 -4.03 -1.54 -3.33
CA TRP A 21 -3.44 -0.63 -2.41
C TRP A 21 -4.48 -0.12 -1.43
N ARG A 22 -4.60 -0.81 -0.30
CA ARG A 22 -5.53 -0.41 0.76
C ARG A 22 -5.07 0.82 1.42
N SER A 23 -3.84 0.86 1.48
CA SER A 23 -2.98 1.81 2.02
C SER A 23 -1.83 0.95 2.24
N CYS A 24 -0.71 1.49 2.29
CA CYS A 24 0.41 0.66 2.51
C CYS A 24 0.40 0.21 3.97
N ASP A 25 -0.07 1.10 4.82
CA ASP A 25 -0.12 0.81 6.22
C ASP A 25 -1.15 -0.26 6.51
N SER A 26 -2.35 -0.10 5.96
CA SER A 26 -3.41 -1.07 6.11
C SER A 26 -2.97 -2.43 5.54
N TYR A 27 -2.52 -2.43 4.27
CA TYR A 27 -1.95 -3.64 3.64
C TYR A 27 -0.89 -4.33 4.51
N CYS A 28 0.15 -3.63 4.94
CA CYS A 28 1.19 -4.23 5.71
C CYS A 28 0.70 -4.74 7.06
N LYS A 29 -0.25 -4.05 7.68
CA LYS A 29 -0.72 -4.47 9.00
C LYS A 29 -1.54 -5.74 8.93
N VAL A 30 -2.33 -5.86 7.92
CA VAL A 30 -3.18 -6.92 7.76
C VAL A 30 -2.49 -8.12 7.10
N CYS A 31 -1.81 -7.86 6.01
CA CYS A 31 -1.30 -8.91 5.18
C CYS A 31 0.17 -9.33 5.40
N PHE A 32 0.94 -8.57 6.20
CA PHE A 32 2.27 -9.06 6.61
C PHE A 32 2.40 -8.88 8.11
N LYS A 33 1.26 -8.50 8.69
CA LYS A 33 1.07 -8.18 10.10
C LYS A 33 2.24 -7.36 10.65
N ALA A 34 2.58 -6.35 9.88
CA ALA A 34 3.69 -5.44 10.12
C ALA A 34 3.37 -4.38 11.16
N ASP A 35 4.34 -3.54 11.41
CA ASP A 35 4.21 -2.42 12.33
C ASP A 35 3.49 -1.36 11.59
N ARG A 36 3.97 -1.10 10.41
CA ARG A 36 3.36 -0.09 9.60
C ARG A 36 3.66 -0.39 8.17
N GLY A 37 3.01 0.31 7.31
CA GLY A 37 3.27 0.23 5.93
C GLY A 37 3.61 1.58 5.42
N GLU A 38 4.80 1.75 4.94
CA GLU A 38 5.23 3.02 4.45
C GLU A 38 5.13 3.01 2.94
N CYS A 39 4.19 3.77 2.46
CA CYS A 39 3.86 3.88 1.05
C CYS A 39 4.91 4.72 0.36
N TYR A 40 5.36 4.29 -0.80
CA TYR A 40 6.32 5.08 -1.53
C TYR A 40 6.00 5.02 -3.01
N ASP A 41 6.35 6.02 -3.72
CA ASP A 41 6.14 5.97 -5.14
C ASP A 41 7.22 5.21 -5.82
N SER A 42 6.79 4.29 -6.64
CA SER A 42 7.68 3.56 -7.49
C SER A 42 8.16 4.49 -8.64
N PRO A 43 9.44 4.97 -8.59
CA PRO A 43 9.96 5.97 -9.54
C PRO A 43 10.05 5.44 -10.97
N SER A 44 10.15 4.13 -11.07
CA SER A 44 10.28 3.45 -12.33
C SER A 44 8.95 3.45 -13.10
N LEU A 45 7.87 3.77 -12.42
CA LEU A 45 6.58 3.76 -13.04
C LEU A 45 6.13 5.16 -13.40
N ASN A 46 5.97 5.41 -14.68
CA ASN A 46 5.42 6.67 -15.15
C ASN A 46 3.90 6.51 -15.07
N CYS A 47 3.40 6.62 -13.87
CA CYS A 47 2.01 6.32 -13.59
C CYS A 47 1.23 7.49 -12.94
N PRO A 48 1.15 8.70 -13.55
CA PRO A 48 0.39 9.82 -12.96
C PRO A 48 -1.12 9.50 -12.92
N HIS A 49 -1.55 8.95 -11.78
CA HIS A 49 -2.93 8.50 -11.54
C HIS A 49 -3.30 7.32 -12.47
N ARG A 50 -2.25 6.72 -13.02
CA ARG A 50 -2.32 5.47 -13.77
C ARG A 50 -1.81 4.42 -12.80
N LEU A 51 -1.90 4.80 -11.56
CA LEU A 51 -1.41 4.09 -10.43
C LEU A 51 -2.38 3.06 -9.77
N PRO A 52 -3.63 2.73 -10.32
CA PRO A 52 -4.44 1.57 -9.91
C PRO A 52 -3.64 0.28 -9.56
N ASN A 53 -2.38 0.24 -9.90
CA ASN A 53 -1.56 -0.94 -9.65
C ASN A 53 -0.33 -0.60 -8.83
N ASN A 54 -0.32 0.54 -8.12
CA ASN A 54 0.85 0.90 -7.27
C ASN A 54 0.86 0.07 -5.98
N LYS A 55 0.96 -1.20 -6.15
CA LYS A 55 1.07 -2.09 -5.04
C LYS A 55 2.51 -2.04 -4.53
N GLN A 56 2.77 -1.03 -3.76
CA GLN A 56 4.05 -0.70 -3.22
C GLN A 56 3.91 -0.71 -1.73
N CYS A 57 4.96 -1.09 -1.00
CA CYS A 57 4.86 -1.15 0.42
C CYS A 57 6.16 -1.44 1.12
N ARG A 58 6.42 -0.70 2.18
CA ARG A 58 7.44 -1.07 3.12
C ARG A 58 6.76 -1.53 4.38
N CYS A 59 6.86 -2.79 4.65
CA CYS A 59 6.22 -3.38 5.77
C CYS A 59 7.25 -3.52 6.86
N ILE A 60 7.21 -2.64 7.78
CA ILE A 60 8.20 -2.56 8.84
C ILE A 60 7.80 -3.54 9.86
N ASN A 61 8.75 -4.30 10.39
CA ASN A 61 8.46 -5.26 11.47
C ASN A 61 7.42 -6.26 11.02
N ALA A 62 7.40 -6.57 9.72
CA ALA A 62 6.48 -7.53 9.21
C ALA A 62 6.79 -8.89 9.79
N ARG A 63 5.78 -9.54 10.25
CA ARG A 63 5.96 -10.74 11.02
C ARG A 63 5.42 -11.94 10.35
N THR A 64 4.76 -11.72 9.28
CA THR A 64 4.23 -12.82 8.53
C THR A 64 4.63 -12.75 7.09
N ALA A 65 4.28 -13.79 6.40
CA ALA A 65 4.39 -13.85 4.98
C ALA A 65 3.15 -13.16 4.46
N LYS A 66 3.05 -12.93 3.16
CA LYS A 66 1.88 -12.26 2.63
C LYS A 66 0.65 -13.12 2.91
N ASP A 67 -0.45 -12.48 3.12
CA ASP A 67 -1.65 -13.16 3.57
C ASP A 67 -2.78 -12.91 2.57
N ASN A 68 -3.75 -13.77 2.56
CA ASN A 68 -4.84 -13.76 1.58
C ASN A 68 -6.20 -13.45 2.21
N ARG A 69 -6.22 -13.15 3.51
CA ARG A 69 -7.51 -12.92 4.22
C ARG A 69 -8.22 -11.71 3.65
N ASN A 70 -7.46 -10.78 3.16
CA ASN A 70 -7.98 -9.60 2.57
C ASN A 70 -8.12 -9.83 1.09
N PRO A 71 -9.34 -9.73 0.52
CA PRO A 71 -9.56 -9.94 -0.91
C PRO A 71 -8.77 -8.96 -1.78
N THR A 72 -8.41 -7.82 -1.22
CA THR A 72 -7.63 -6.85 -1.95
C THR A 72 -6.11 -7.04 -1.78
N CYS A 73 -5.71 -8.05 -0.99
CA CYS A 73 -4.31 -8.43 -0.90
C CYS A 73 -3.97 -9.54 -1.88
N TRP A 74 -4.89 -9.87 -2.76
CA TRP A 74 -4.67 -10.92 -3.73
C TRP A 74 -3.82 -10.45 -4.90
N ALA A 75 -2.54 -10.64 -4.71
CA ALA A 75 -1.45 -10.40 -5.61
C ALA A 75 -0.25 -10.51 -4.69
N GLY A 1 5.67 8.66 -10.16
CA GLY A 1 4.52 9.42 -10.68
C GLY A 1 3.20 8.75 -10.33
N CYS A 2 3.24 7.85 -9.39
CA CYS A 2 2.13 7.04 -9.00
C CYS A 2 1.77 7.42 -7.55
N PHE A 3 1.75 8.71 -7.36
CA PHE A 3 1.65 9.41 -6.07
C PHE A 3 0.48 9.08 -5.13
N GLU A 4 -0.64 8.64 -5.65
CA GLU A 4 -1.86 8.60 -4.84
C GLU A 4 -1.81 7.70 -3.60
N ASP A 5 -1.37 6.43 -3.73
CA ASP A 5 -1.34 5.54 -2.52
C ASP A 5 -0.37 6.06 -1.47
N TRP A 6 0.69 6.69 -1.92
CA TRP A 6 1.63 7.36 -1.04
C TRP A 6 0.91 8.42 -0.16
N SER A 7 0.02 9.19 -0.75
CA SER A 7 -0.76 10.17 0.02
C SER A 7 -1.99 9.53 0.69
N ARG A 8 -2.35 8.35 0.22
CA ARG A 8 -3.51 7.58 0.70
C ARG A 8 -3.31 7.19 2.14
N CYS A 9 -2.07 7.25 2.57
CA CYS A 9 -1.70 6.97 3.93
C CYS A 9 -1.94 8.18 4.84
N SER A 10 -2.44 9.29 4.26
CA SER A 10 -2.88 10.41 5.07
C SER A 10 -4.12 9.93 5.86
N PRO A 11 -4.34 10.44 7.11
CA PRO A 11 -5.48 10.02 7.99
C PRO A 11 -6.89 10.29 7.41
N SER A 12 -6.96 10.66 6.18
CA SER A 12 -8.21 10.90 5.53
C SER A 12 -8.70 9.57 4.92
N THR A 13 -9.47 8.83 5.71
CA THR A 13 -10.04 7.53 5.34
C THR A 13 -8.96 6.40 5.45
N ALA A 14 -7.77 6.67 4.89
CA ALA A 14 -6.57 5.81 4.93
C ALA A 14 -6.83 4.32 4.76
N SER A 15 -7.00 3.63 5.88
CA SER A 15 -7.15 2.20 5.95
C SER A 15 -8.43 1.69 5.27
N ALA A 16 -9.37 2.56 5.01
CA ALA A 16 -10.60 2.17 4.36
C ALA A 16 -10.63 2.59 2.89
N THR A 17 -9.55 3.18 2.42
CA THR A 17 -9.53 3.70 1.08
C THR A 17 -9.27 2.60 0.01
N GLY A 18 -10.36 2.02 -0.50
CA GLY A 18 -10.32 1.11 -1.64
C GLY A 18 -9.60 -0.22 -1.41
N VAL A 19 -9.16 -0.82 -2.49
CA VAL A 19 -8.51 -2.12 -2.50
C VAL A 19 -7.29 -1.99 -3.43
N LEU A 20 -6.35 -2.96 -3.40
CA LEU A 20 -5.11 -2.99 -4.24
C LEU A 20 -4.16 -1.94 -3.71
N TRP A 21 -4.59 -0.77 -3.83
CA TRP A 21 -3.95 0.40 -3.27
C TRP A 21 -4.68 0.52 -1.93
N ARG A 22 -4.02 0.15 -0.90
CA ARG A 22 -4.63 -0.05 0.42
C ARG A 22 -4.18 0.95 1.40
N SER A 23 -3.41 1.91 0.93
CA SER A 23 -2.60 2.78 1.73
C SER A 23 -1.57 1.93 2.34
N CYS A 24 -0.42 2.07 1.86
CA CYS A 24 0.70 1.17 2.17
C CYS A 24 0.85 0.80 3.66
N ASP A 25 0.66 1.76 4.56
CA ASP A 25 0.78 1.46 5.99
C ASP A 25 -0.27 0.46 6.44
N SER A 26 -1.49 0.63 5.95
CA SER A 26 -2.58 -0.24 6.29
C SER A 26 -2.34 -1.60 5.66
N TYR A 27 -1.96 -1.59 4.37
CA TYR A 27 -1.60 -2.80 3.63
C TYR A 27 -0.57 -3.64 4.40
N CYS A 28 0.58 -3.07 4.70
CA CYS A 28 1.59 -3.79 5.43
C CYS A 28 1.12 -4.26 6.80
N LYS A 29 0.31 -3.48 7.51
CA LYS A 29 -0.14 -3.87 8.85
C LYS A 29 -1.08 -5.05 8.83
N VAL A 30 -1.99 -5.05 7.90
CA VAL A 30 -2.97 -6.04 7.83
C VAL A 30 -2.46 -7.26 7.04
N CYS A 31 -1.92 -7.00 5.89
CA CYS A 31 -1.55 -8.04 4.98
C CYS A 31 -0.28 -8.79 5.42
N PHE A 32 0.79 -8.07 5.66
CA PHE A 32 2.06 -8.71 6.01
C PHE A 32 2.31 -8.57 7.50
N LYS A 33 1.29 -8.11 8.20
CA LYS A 33 1.27 -7.82 9.63
C LYS A 33 2.56 -7.18 10.12
N ALA A 34 2.97 -6.19 9.36
CA ALA A 34 4.19 -5.43 9.55
C ALA A 34 4.06 -4.39 10.65
N ASP A 35 5.14 -3.66 10.86
CA ASP A 35 5.20 -2.58 11.82
C ASP A 35 4.54 -1.43 11.19
N ARG A 36 4.95 -1.18 9.97
CA ARG A 36 4.37 -0.11 9.24
C ARG A 36 4.54 -0.38 7.78
N GLY A 37 3.87 0.37 6.99
CA GLY A 37 4.03 0.32 5.59
C GLY A 37 4.42 1.67 5.14
N GLU A 38 5.54 1.78 4.53
CA GLU A 38 5.99 3.08 4.13
C GLU A 38 5.67 3.26 2.66
N CYS A 39 4.68 4.08 2.45
CA CYS A 39 4.12 4.42 1.17
C CYS A 39 5.03 5.43 0.52
N TYR A 40 5.48 5.16 -0.68
CA TYR A 40 6.31 6.10 -1.37
C TYR A 40 5.93 6.11 -2.83
N ASP A 41 6.25 7.14 -3.54
CA ASP A 41 5.94 7.12 -4.94
C ASP A 41 6.96 6.33 -5.69
N SER A 42 6.46 5.38 -6.41
CA SER A 42 7.25 4.50 -7.24
C SER A 42 8.10 5.28 -8.29
N PRO A 43 9.45 5.30 -8.12
CA PRO A 43 10.35 5.98 -9.04
C PRO A 43 10.84 5.04 -10.16
N SER A 44 11.11 3.78 -9.81
CA SER A 44 11.56 2.78 -10.76
C SER A 44 10.43 2.43 -11.72
N LEU A 45 9.22 2.68 -11.27
CA LEU A 45 8.05 2.53 -12.08
C LEU A 45 7.41 3.90 -12.06
N ASN A 46 8.07 4.83 -12.71
CA ASN A 46 7.59 6.20 -12.76
C ASN A 46 6.50 6.29 -13.79
N CYS A 47 5.30 6.07 -13.34
CA CYS A 47 4.18 6.10 -14.21
C CYS A 47 3.68 7.53 -14.39
N PRO A 48 3.24 7.91 -15.60
CA PRO A 48 2.63 9.21 -15.85
C PRO A 48 1.19 9.25 -15.28
N HIS A 49 1.10 9.22 -13.96
CA HIS A 49 -0.15 9.19 -13.17
C HIS A 49 -1.11 8.05 -13.54
N ARG A 50 -0.59 6.98 -14.12
CA ARG A 50 -1.39 5.78 -14.27
C ARG A 50 -1.29 5.01 -12.97
N LEU A 51 -1.83 5.66 -11.97
CA LEU A 51 -1.81 5.29 -10.57
C LEU A 51 -2.19 3.85 -10.31
N PRO A 52 -3.29 3.31 -10.93
CA PRO A 52 -3.73 1.91 -10.91
C PRO A 52 -2.66 0.80 -10.75
N ASN A 53 -1.41 1.13 -10.81
CA ASN A 53 -0.37 0.12 -10.66
C ASN A 53 0.54 0.36 -9.51
N ASN A 54 0.33 1.44 -8.79
CA ASN A 54 1.15 1.68 -7.62
C ASN A 54 0.70 0.81 -6.49
N LYS A 55 1.13 -0.38 -6.54
CA LYS A 55 1.07 -1.21 -5.37
C LYS A 55 2.49 -1.40 -4.85
N GLN A 56 2.91 -0.54 -3.96
CA GLN A 56 4.22 -0.65 -3.38
C GLN A 56 4.08 -0.63 -1.93
N CYS A 57 5.07 -1.15 -1.23
CA CYS A 57 5.02 -1.17 0.19
C CYS A 57 6.32 -1.54 0.81
N ARG A 58 6.81 -0.68 1.68
CA ARG A 58 7.88 -1.10 2.55
C ARG A 58 7.26 -1.59 3.83
N CYS A 59 7.26 -2.86 4.01
CA CYS A 59 6.66 -3.47 5.14
C CYS A 59 7.73 -3.75 6.13
N ILE A 60 7.84 -2.90 7.07
CA ILE A 60 8.90 -2.98 8.06
C ILE A 60 8.48 -3.95 9.05
N ASN A 61 9.37 -4.86 9.45
CA ASN A 61 9.05 -5.82 10.51
C ASN A 61 7.87 -6.67 10.12
N ALA A 62 7.71 -6.93 8.81
CA ALA A 62 6.63 -7.76 8.35
C ALA A 62 6.73 -9.14 8.94
N ARG A 63 5.67 -9.59 9.49
CA ARG A 63 5.65 -10.80 10.26
C ARG A 63 5.02 -11.92 9.49
N THR A 64 4.29 -11.58 8.49
CA THR A 64 3.65 -12.59 7.71
C THR A 64 3.93 -12.43 6.25
N ALA A 65 3.56 -13.45 5.53
CA ALA A 65 3.55 -13.44 4.09
C ALA A 65 2.31 -12.65 3.68
N LYS A 66 2.14 -12.36 2.39
CA LYS A 66 0.98 -11.60 1.96
C LYS A 66 -0.30 -12.30 2.42
N ASP A 67 -1.32 -11.54 2.64
CA ASP A 67 -2.50 -12.07 3.29
C ASP A 67 -3.62 -12.34 2.32
N ASN A 68 -4.26 -13.46 2.48
CA ASN A 68 -5.41 -13.82 1.68
C ASN A 68 -6.68 -13.91 2.53
N ARG A 69 -6.58 -13.58 3.81
CA ARG A 69 -7.72 -13.75 4.71
C ARG A 69 -8.59 -12.54 4.55
N ASN A 70 -7.94 -11.48 4.16
CA ASN A 70 -8.55 -10.22 3.97
C ASN A 70 -8.80 -10.00 2.52
N PRO A 71 -10.08 -9.82 2.10
CA PRO A 71 -10.44 -9.55 0.70
C PRO A 71 -9.75 -8.28 0.20
N THR A 72 -9.42 -7.41 1.13
CA THR A 72 -8.74 -6.18 0.87
C THR A 72 -7.27 -6.41 0.46
N CYS A 73 -6.72 -7.54 0.85
CA CYS A 73 -5.33 -7.85 0.55
C CYS A 73 -5.21 -8.67 -0.73
N TRP A 74 -6.31 -8.85 -1.43
CA TRP A 74 -6.28 -9.57 -2.68
C TRP A 74 -5.83 -8.68 -3.81
N ALA A 75 -4.53 -8.71 -4.02
CA ALA A 75 -3.82 -8.01 -5.01
C ALA A 75 -2.42 -8.52 -4.89
N GLY A 1 4.01 10.34 -8.15
CA GLY A 1 3.34 10.05 -9.44
C GLY A 1 2.15 9.14 -9.22
N CYS A 2 2.40 8.02 -8.60
CA CYS A 2 1.39 7.10 -8.23
C CYS A 2 0.97 7.46 -6.82
N PHE A 3 0.25 8.56 -6.75
CA PHE A 3 -0.04 9.25 -5.51
C PHE A 3 -1.18 8.69 -4.69
N GLU A 4 -2.12 8.03 -5.28
CA GLU A 4 -3.33 7.62 -4.57
C GLU A 4 -3.07 6.63 -3.44
N ASP A 5 -2.34 5.56 -3.73
CA ASP A 5 -1.94 4.63 -2.68
C ASP A 5 -1.00 5.29 -1.71
N TRP A 6 -0.19 6.20 -2.22
CA TRP A 6 0.70 6.98 -1.37
C TRP A 6 -0.11 7.83 -0.36
N SER A 7 -1.21 8.40 -0.83
CA SER A 7 -2.03 9.32 -0.03
C SER A 7 -2.74 8.67 1.16
N ARG A 8 -2.86 7.34 1.19
CA ARG A 8 -3.50 6.69 2.35
C ARG A 8 -2.58 6.84 3.53
N CYS A 9 -1.33 6.98 3.23
CA CYS A 9 -0.33 7.06 4.23
C CYS A 9 0.21 8.48 4.30
N SER A 10 -0.48 9.40 3.67
CA SER A 10 -0.17 10.79 3.76
C SER A 10 -1.10 11.34 4.84
N PRO A 11 -0.66 12.34 5.66
CA PRO A 11 -1.45 12.90 6.77
C PRO A 11 -2.89 13.29 6.38
N SER A 12 -3.80 12.35 6.62
CA SER A 12 -5.19 12.48 6.34
C SER A 12 -5.90 11.30 6.99
N THR A 13 -7.21 11.31 7.05
CA THR A 13 -7.97 10.21 7.62
C THR A 13 -9.23 10.00 6.76
N ALA A 14 -9.13 10.43 5.53
CA ALA A 14 -10.23 10.37 4.57
C ALA A 14 -9.64 10.18 3.20
N SER A 15 -8.59 9.40 3.18
CA SER A 15 -7.81 9.16 2.00
C SER A 15 -8.53 8.21 1.03
N ALA A 16 -9.39 8.77 0.20
CA ALA A 16 -10.11 8.04 -0.80
C ALA A 16 -10.27 8.92 -2.02
N THR A 17 -9.53 8.61 -3.04
CA THR A 17 -9.57 9.35 -4.27
C THR A 17 -10.33 8.58 -5.35
N GLY A 18 -9.75 7.50 -5.82
CA GLY A 18 -10.36 6.69 -6.82
C GLY A 18 -9.72 5.33 -6.89
N VAL A 19 -8.43 5.30 -7.16
CA VAL A 19 -7.73 4.04 -7.29
C VAL A 19 -6.76 3.86 -6.16
N LEU A 20 -7.08 2.98 -5.28
CA LEU A 20 -6.19 2.61 -4.23
C LEU A 20 -6.07 1.12 -4.21
N TRP A 21 -4.87 0.63 -4.33
CA TRP A 21 -4.60 -0.76 -4.19
C TRP A 21 -4.86 -1.24 -2.75
N ARG A 22 -3.83 -1.30 -1.97
CA ARG A 22 -3.93 -1.62 -0.53
C ARG A 22 -3.19 -0.57 0.24
N SER A 23 -2.73 0.43 -0.49
CA SER A 23 -1.77 1.43 -0.05
C SER A 23 -0.51 0.71 0.34
N CYS A 24 -0.29 0.61 1.61
CA CYS A 24 0.79 -0.22 2.10
C CYS A 24 0.65 -0.45 3.57
N ASP A 25 0.46 0.62 4.31
CA ASP A 25 0.35 0.54 5.77
C ASP A 25 -0.79 -0.40 6.21
N SER A 26 -1.89 -0.40 5.47
CA SER A 26 -3.00 -1.28 5.79
C SER A 26 -2.61 -2.73 5.49
N TYR A 27 -2.01 -2.91 4.33
CA TYR A 27 -1.51 -4.21 3.85
C TYR A 27 -0.56 -4.79 4.86
N CYS A 28 0.44 -4.03 5.20
CA CYS A 28 1.44 -4.40 6.15
C CYS A 28 0.85 -4.82 7.49
N LYS A 29 -0.13 -4.08 7.98
CA LYS A 29 -0.71 -4.37 9.28
C LYS A 29 -1.54 -5.63 9.29
N VAL A 30 -2.29 -5.84 8.24
CA VAL A 30 -3.17 -6.91 8.15
C VAL A 30 -2.49 -8.19 7.65
N CYS A 31 -1.71 -8.06 6.62
CA CYS A 31 -1.11 -9.18 5.93
C CYS A 31 0.13 -9.71 6.60
N PHE A 32 1.16 -8.91 6.67
CA PHE A 32 2.43 -9.36 7.22
C PHE A 32 2.52 -8.96 8.67
N LYS A 33 1.37 -8.51 9.19
CA LYS A 33 1.19 -8.01 10.54
C LYS A 33 2.38 -7.19 11.05
N ALA A 34 2.86 -6.37 10.11
CA ALA A 34 3.97 -5.47 10.25
C ALA A 34 3.55 -4.27 11.03
N ASP A 35 4.47 -3.40 11.33
CA ASP A 35 4.13 -2.30 12.16
C ASP A 35 3.57 -1.21 11.32
N ARG A 36 4.23 -0.95 10.20
CA ARG A 36 3.74 0.05 9.30
C ARG A 36 4.25 -0.27 7.93
N GLY A 37 3.85 0.49 6.97
CA GLY A 37 4.30 0.25 5.64
C GLY A 37 4.64 1.53 4.93
N GLU A 38 5.44 1.42 3.91
CA GLU A 38 5.80 2.56 3.12
C GLU A 38 4.99 2.59 1.85
N CYS A 39 4.07 3.50 1.82
CA CYS A 39 3.21 3.73 0.68
C CYS A 39 3.88 4.84 -0.07
N TYR A 40 4.70 4.49 -1.00
CA TYR A 40 5.54 5.47 -1.65
C TYR A 40 5.60 5.16 -3.11
N ASP A 41 5.93 6.13 -3.91
CA ASP A 41 6.12 5.93 -5.35
C ASP A 41 7.21 4.93 -5.63
N SER A 42 6.83 3.83 -6.25
CA SER A 42 7.77 2.84 -6.75
C SER A 42 8.93 3.51 -7.58
N PRO A 43 10.19 2.99 -7.49
CA PRO A 43 11.36 3.56 -8.21
C PRO A 43 11.29 3.36 -9.75
N SER A 44 10.27 2.70 -10.21
CA SER A 44 10.04 2.44 -11.61
C SER A 44 8.87 3.31 -12.11
N LEU A 45 8.59 4.34 -11.33
CA LEU A 45 7.46 5.23 -11.52
C LEU A 45 7.44 5.89 -12.90
N ASN A 46 6.32 5.73 -13.58
CA ASN A 46 6.09 6.34 -14.88
C ASN A 46 4.58 6.58 -15.00
N CYS A 47 3.93 6.85 -13.89
CA CYS A 47 2.51 6.98 -13.92
C CYS A 47 2.05 8.40 -13.52
N PRO A 48 1.35 9.11 -14.40
CA PRO A 48 0.62 10.30 -14.03
C PRO A 48 -0.82 9.89 -13.68
N HIS A 49 -0.97 9.26 -12.50
CA HIS A 49 -2.26 8.69 -12.06
C HIS A 49 -2.70 7.48 -12.91
N ARG A 50 -1.77 6.95 -13.69
CA ARG A 50 -1.94 5.64 -14.32
C ARG A 50 -1.46 4.61 -13.29
N LEU A 51 -1.83 4.90 -12.07
CA LEU A 51 -1.43 4.17 -10.92
C LEU A 51 -2.26 2.89 -10.58
N PRO A 52 -3.34 2.51 -11.35
CA PRO A 52 -3.92 1.14 -11.34
C PRO A 52 -2.91 -0.03 -11.25
N ASN A 53 -1.63 0.23 -11.22
CA ASN A 53 -0.61 -0.81 -11.00
C ASN A 53 0.31 -0.52 -9.82
N ASN A 54 0.06 0.57 -9.07
CA ASN A 54 0.99 0.94 -7.96
C ASN A 54 0.83 0.06 -6.72
N LYS A 55 0.88 -1.20 -6.91
CA LYS A 55 0.90 -2.08 -5.77
C LYS A 55 2.33 -2.03 -5.15
N GLN A 56 2.61 -0.92 -4.48
CA GLN A 56 3.90 -0.55 -3.95
C GLN A 56 3.85 -0.56 -2.46
N CYS A 57 4.68 -1.36 -1.84
CA CYS A 57 4.60 -1.50 -0.41
C CYS A 57 5.85 -2.15 0.17
N ARG A 58 6.26 -1.64 1.33
CA ARG A 58 7.30 -2.24 2.16
C ARG A 58 6.73 -2.35 3.56
N CYS A 59 6.97 -3.46 4.23
CA CYS A 59 6.39 -3.73 5.51
C CYS A 59 7.47 -3.76 6.55
N ILE A 60 7.37 -2.86 7.48
CA ILE A 60 8.38 -2.68 8.49
C ILE A 60 7.99 -3.47 9.66
N ASN A 61 8.93 -4.19 10.24
CA ASN A 61 8.66 -4.99 11.44
C ASN A 61 7.59 -6.01 11.13
N ALA A 62 7.62 -6.55 9.92
CA ALA A 62 6.66 -7.55 9.54
C ALA A 62 6.84 -8.76 10.41
N ARG A 63 5.78 -9.14 11.04
CA ARG A 63 5.80 -10.17 12.03
C ARG A 63 5.34 -11.48 11.48
N THR A 64 4.63 -11.42 10.39
CA THR A 64 4.15 -12.64 9.79
C THR A 64 4.51 -12.72 8.33
N ALA A 65 4.24 -13.87 7.80
CA ALA A 65 4.46 -14.18 6.42
C ALA A 65 3.24 -13.78 5.60
N LYS A 66 3.38 -13.87 4.28
CA LYS A 66 2.31 -13.61 3.32
C LYS A 66 1.04 -14.32 3.72
N ASP A 67 0.10 -13.53 3.97
CA ASP A 67 -1.21 -13.94 4.44
C ASP A 67 -2.14 -13.89 3.26
N ASN A 68 -2.70 -15.01 2.90
CA ASN A 68 -3.56 -15.09 1.72
C ASN A 68 -4.98 -15.41 2.08
N ARG A 69 -5.25 -15.46 3.36
CA ARG A 69 -6.59 -15.82 3.81
C ARG A 69 -7.46 -14.61 3.66
N ASN A 70 -6.87 -13.51 4.01
CA ASN A 70 -7.53 -12.23 4.00
C ASN A 70 -7.73 -11.77 2.57
N PRO A 71 -8.98 -11.48 2.16
CA PRO A 71 -9.29 -11.01 0.80
C PRO A 71 -8.63 -9.66 0.50
N THR A 72 -8.36 -8.92 1.54
CA THR A 72 -7.73 -7.64 1.46
C THR A 72 -6.20 -7.79 1.32
N CYS A 73 -5.73 -9.01 1.39
CA CYS A 73 -4.32 -9.28 1.31
C CYS A 73 -3.93 -9.86 -0.01
N TRP A 74 -4.87 -9.93 -0.93
CA TRP A 74 -4.56 -10.45 -2.23
C TRP A 74 -3.87 -9.37 -3.06
N ALA A 75 -2.56 -9.41 -2.95
CA ALA A 75 -1.60 -8.53 -3.57
C ALA A 75 -0.30 -8.85 -2.89
N GLY A 1 3.96 8.39 -9.46
CA GLY A 1 2.94 9.43 -9.17
C GLY A 1 1.59 8.81 -8.87
N CYS A 2 1.58 7.87 -7.98
CA CYS A 2 0.42 7.14 -7.58
C CYS A 2 -0.14 7.71 -6.28
N PHE A 3 -1.36 8.25 -6.31
CA PHE A 3 -1.94 8.88 -5.13
C PHE A 3 -2.55 7.90 -4.09
N GLU A 4 -3.42 6.99 -4.54
CA GLU A 4 -4.19 6.10 -3.65
C GLU A 4 -3.40 5.32 -2.62
N ASP A 5 -2.31 4.72 -2.99
CA ASP A 5 -1.51 4.04 -1.96
C ASP A 5 -0.60 5.01 -1.25
N TRP A 6 0.26 5.64 -2.02
CA TRP A 6 1.35 6.46 -1.51
C TRP A 6 0.88 7.60 -0.57
N SER A 7 -0.10 8.33 -0.99
CA SER A 7 -0.58 9.46 -0.23
C SER A 7 -1.55 9.05 0.88
N ARG A 8 -2.07 7.84 0.80
CA ARG A 8 -3.09 7.37 1.74
C ARG A 8 -2.55 7.38 3.16
N CYS A 9 -1.29 7.10 3.31
CA CYS A 9 -0.73 7.06 4.63
C CYS A 9 0.24 8.22 4.82
N SER A 10 0.30 9.12 3.86
CA SER A 10 1.20 10.22 3.99
C SER A 10 0.59 11.51 3.48
N PRO A 11 0.37 12.51 4.35
CA PRO A 11 -0.13 13.84 3.96
C PRO A 11 1.02 14.67 3.38
N SER A 12 1.75 14.05 2.49
CA SER A 12 2.95 14.58 1.91
C SER A 12 2.63 15.57 0.78
N THR A 13 2.07 15.08 -0.28
CA THR A 13 1.74 15.90 -1.41
C THR A 13 0.23 15.92 -1.61
N ALA A 14 -0.46 15.09 -0.83
CA ALA A 14 -1.90 14.91 -0.91
C ALA A 14 -2.27 13.92 0.17
N SER A 15 -3.46 13.39 0.09
CA SER A 15 -3.94 12.38 0.97
C SER A 15 -4.85 11.52 0.12
N ALA A 16 -5.03 10.27 0.46
CA ALA A 16 -5.83 9.40 -0.37
C ALA A 16 -6.92 8.72 0.40
N THR A 17 -7.75 7.99 -0.29
CA THR A 17 -8.92 7.40 0.28
C THR A 17 -8.65 5.96 0.76
N GLY A 18 -8.28 5.11 -0.14
CA GLY A 18 -8.10 3.72 0.14
C GLY A 18 -9.13 2.91 -0.60
N VAL A 19 -9.39 3.31 -1.82
CA VAL A 19 -10.33 2.67 -2.70
C VAL A 19 -9.63 1.57 -3.46
N LEU A 20 -10.15 0.32 -3.37
CA LEU A 20 -9.58 -0.88 -4.05
C LEU A 20 -8.20 -1.21 -3.56
N TRP A 21 -7.30 -0.36 -3.83
CA TRP A 21 -5.93 -0.45 -3.38
C TRP A 21 -5.98 -0.25 -1.86
N ARG A 22 -5.42 -1.18 -1.12
CA ARG A 22 -5.62 -1.20 0.35
C ARG A 22 -4.73 -0.26 1.08
N SER A 23 -3.97 0.55 0.35
CA SER A 23 -2.94 1.39 0.91
C SER A 23 -1.93 0.43 1.55
N CYS A 24 -1.07 0.92 2.32
CA CYS A 24 -0.22 0.02 2.99
C CYS A 24 -0.29 0.06 4.48
N ASP A 25 -0.85 1.12 4.99
CA ASP A 25 -1.07 1.25 6.43
C ASP A 25 -2.01 0.12 6.91
N SER A 26 -3.06 -0.14 6.14
CA SER A 26 -4.01 -1.15 6.47
C SER A 26 -3.51 -2.51 5.97
N TYR A 27 -3.01 -2.53 4.74
CA TYR A 27 -2.43 -3.72 4.10
C TYR A 27 -1.41 -4.44 4.98
N CYS A 28 -0.39 -3.71 5.46
CA CYS A 28 0.65 -4.33 6.24
C CYS A 28 0.12 -4.90 7.54
N LYS A 29 -1.00 -4.36 8.05
CA LYS A 29 -1.63 -4.89 9.25
C LYS A 29 -2.24 -6.24 9.01
N VAL A 30 -2.95 -6.37 7.94
CA VAL A 30 -3.64 -7.53 7.61
C VAL A 30 -2.69 -8.60 7.01
N CYS A 31 -1.89 -8.18 6.08
CA CYS A 31 -1.07 -9.06 5.32
C CYS A 31 0.16 -9.55 6.09
N PHE A 32 1.06 -8.66 6.41
CA PHE A 32 2.33 -9.03 7.05
C PHE A 32 2.26 -8.83 8.56
N LYS A 33 1.06 -8.48 9.02
CA LYS A 33 0.73 -8.17 10.40
C LYS A 33 1.80 -7.29 11.07
N ALA A 34 2.24 -6.31 10.28
CA ALA A 34 3.28 -5.34 10.58
C ALA A 34 2.78 -4.23 11.49
N ASP A 35 3.68 -3.37 11.94
CA ASP A 35 3.31 -2.30 12.76
C ASP A 35 2.94 -1.11 11.98
N ARG A 36 3.64 -0.90 10.90
CA ARG A 36 3.32 0.22 10.04
C ARG A 36 3.44 -0.22 8.62
N GLY A 37 2.69 0.42 7.79
CA GLY A 37 2.78 0.20 6.40
C GLY A 37 3.06 1.51 5.77
N GLU A 38 4.25 1.67 5.31
CA GLU A 38 4.65 2.92 4.77
C GLU A 38 4.61 2.83 3.28
N CYS A 39 3.62 3.47 2.74
CA CYS A 39 3.31 3.49 1.35
C CYS A 39 4.20 4.51 0.68
N TYR A 40 4.74 4.14 -0.44
CA TYR A 40 5.58 5.00 -1.17
C TYR A 40 5.28 4.87 -2.62
N ASP A 41 5.64 5.83 -3.39
CA ASP A 41 5.31 5.84 -4.78
C ASP A 41 6.35 5.15 -5.61
N SER A 42 5.88 4.38 -6.56
CA SER A 42 6.72 3.79 -7.57
C SER A 42 7.17 4.87 -8.60
N PRO A 43 8.45 5.31 -8.54
CA PRO A 43 8.95 6.35 -9.42
C PRO A 43 9.52 5.80 -10.73
N SER A 44 9.69 4.50 -10.78
CA SER A 44 10.25 3.84 -11.94
C SER A 44 9.15 3.10 -12.68
N LEU A 45 7.93 3.45 -12.36
CA LEU A 45 6.78 2.83 -12.96
C LEU A 45 5.94 3.96 -13.54
N ASN A 46 5.48 3.78 -14.77
CA ASN A 46 4.68 4.79 -15.44
C ASN A 46 3.33 4.90 -14.73
N CYS A 47 3.22 5.85 -13.86
CA CYS A 47 2.04 6.02 -13.09
C CYS A 47 1.54 7.45 -13.17
N PRO A 48 0.67 7.75 -14.16
CA PRO A 48 0.06 9.07 -14.32
C PRO A 48 -1.21 9.14 -13.46
N HIS A 49 -1.06 8.71 -12.19
CA HIS A 49 -2.16 8.59 -11.22
C HIS A 49 -3.33 7.79 -11.72
N ARG A 50 -3.01 6.73 -12.40
CA ARG A 50 -3.98 5.72 -12.76
C ARG A 50 -3.74 4.56 -11.85
N LEU A 51 -2.46 4.40 -11.47
CA LEU A 51 -1.91 3.48 -10.42
C LEU A 51 -2.53 2.05 -10.19
N PRO A 52 -2.92 1.31 -11.22
CA PRO A 52 -3.59 0.00 -11.10
C PRO A 52 -2.85 -1.00 -10.24
N ASN A 53 -1.59 -0.82 -10.11
CA ASN A 53 -0.79 -1.77 -9.40
C ASN A 53 0.00 -1.15 -8.30
N ASN A 54 -0.42 0.02 -7.84
CA ASN A 54 0.39 0.75 -6.82
C ASN A 54 0.31 0.15 -5.41
N LYS A 55 0.34 -1.13 -5.31
CA LYS A 55 0.41 -1.74 -4.02
C LYS A 55 1.89 -1.96 -3.67
N GLN A 56 2.58 -0.88 -3.33
CA GLN A 56 4.01 -0.93 -3.05
C GLN A 56 4.34 -0.18 -1.77
N CYS A 57 4.97 -0.84 -0.86
CA CYS A 57 5.24 -0.25 0.42
C CYS A 57 6.23 -1.05 1.19
N ARG A 58 6.54 -0.59 2.36
CA ARG A 58 7.32 -1.32 3.29
C ARG A 58 6.52 -1.53 4.57
N CYS A 59 6.65 -2.68 5.15
CA CYS A 59 5.91 -3.05 6.30
C CYS A 59 6.88 -3.20 7.44
N ILE A 60 6.71 -2.38 8.42
CA ILE A 60 7.65 -2.29 9.54
C ILE A 60 7.22 -3.26 10.56
N ASN A 61 8.16 -4.01 11.13
CA ASN A 61 7.86 -4.97 12.19
C ASN A 61 6.91 -6.03 11.67
N ALA A 62 7.01 -6.33 10.38
CA ALA A 62 6.19 -7.35 9.79
C ALA A 62 6.54 -8.67 10.43
N ARG A 63 5.54 -9.32 10.90
CA ARG A 63 5.72 -10.53 11.68
C ARG A 63 5.27 -11.73 10.95
N THR A 64 4.63 -11.52 9.87
CA THR A 64 4.25 -12.63 9.05
C THR A 64 4.79 -12.50 7.68
N ALA A 65 4.76 -13.60 7.00
CA ALA A 65 5.14 -13.67 5.62
C ALA A 65 3.99 -13.15 4.78
N LYS A 66 4.21 -13.01 3.47
CA LYS A 66 3.18 -12.56 2.56
C LYS A 66 1.98 -13.50 2.73
N ASP A 67 0.85 -12.93 2.86
CA ASP A 67 -0.34 -13.69 3.22
C ASP A 67 -1.18 -13.85 1.99
N ASN A 68 -1.58 -15.04 1.69
CA ASN A 68 -2.36 -15.27 0.49
C ASN A 68 -3.78 -15.68 0.76
N ARG A 69 -4.17 -15.68 2.03
CA ARG A 69 -5.55 -16.02 2.37
C ARG A 69 -6.40 -14.80 2.07
N ASN A 70 -5.75 -13.66 2.17
CA ASN A 70 -6.32 -12.38 1.90
C ASN A 70 -6.33 -12.16 0.41
N PRO A 71 -7.52 -12.06 -0.22
CA PRO A 71 -7.64 -11.84 -1.68
C PRO A 71 -6.98 -10.52 -2.10
N THR A 72 -6.93 -9.59 -1.17
CA THR A 72 -6.36 -8.28 -1.40
C THR A 72 -4.83 -8.32 -1.33
N CYS A 73 -4.29 -9.48 -1.08
CA CYS A 73 -2.86 -9.67 -1.01
C CYS A 73 -2.38 -10.51 -2.17
N TRP A 74 -3.21 -10.74 -3.16
CA TRP A 74 -2.76 -11.49 -4.29
C TRP A 74 -1.93 -10.62 -5.22
N ALA A 75 -0.65 -10.61 -4.88
CA ALA A 75 0.47 -9.97 -5.50
C ALA A 75 1.46 -9.86 -4.37
N GLY A 1 5.07 8.27 -9.46
CA GLY A 1 3.87 9.07 -9.71
C GLY A 1 2.62 8.46 -9.10
N CYS A 2 2.80 7.38 -8.34
CA CYS A 2 1.72 6.66 -7.76
C CYS A 2 1.31 7.33 -6.44
N PHE A 3 0.50 8.36 -6.55
CA PHE A 3 0.17 9.23 -5.42
C PHE A 3 -0.83 8.66 -4.41
N GLU A 4 -1.77 7.82 -4.85
CA GLU A 4 -2.96 7.51 -4.03
C GLU A 4 -2.61 6.91 -2.66
N ASP A 5 -2.02 5.73 -2.64
CA ASP A 5 -1.76 5.07 -1.36
C ASP A 5 -0.68 5.82 -0.60
N TRP A 6 0.22 6.50 -1.35
CA TRP A 6 1.23 7.35 -0.73
C TRP A 6 0.59 8.51 0.06
N SER A 7 -0.38 9.18 -0.57
CA SER A 7 -1.03 10.35 0.02
C SER A 7 -1.83 10.02 1.27
N ARG A 8 -2.11 8.75 1.44
CA ARG A 8 -2.85 8.27 2.59
C ARG A 8 -2.01 8.43 3.85
N CYS A 9 -0.72 8.55 3.66
CA CYS A 9 0.19 8.70 4.75
C CYS A 9 1.06 9.93 4.54
N SER A 10 0.74 10.72 3.52
CA SER A 10 1.46 11.93 3.20
C SER A 10 0.52 12.90 2.50
N PRO A 11 0.04 13.94 3.20
CA PRO A 11 -0.90 14.91 2.63
C PRO A 11 -0.33 15.63 1.41
N SER A 12 -0.74 15.21 0.25
CA SER A 12 -0.32 15.81 -0.99
C SER A 12 -1.50 15.80 -1.98
N THR A 13 -2.12 14.66 -2.11
CA THR A 13 -3.29 14.53 -2.94
C THR A 13 -4.36 13.79 -2.11
N ALA A 14 -5.56 13.64 -2.63
CA ALA A 14 -6.62 12.97 -1.90
C ALA A 14 -6.79 11.55 -2.41
N SER A 15 -7.30 10.70 -1.56
CA SER A 15 -7.55 9.32 -1.88
C SER A 15 -8.90 9.16 -2.57
N ALA A 16 -9.08 8.06 -3.26
CA ALA A 16 -10.31 7.80 -3.96
C ALA A 16 -11.17 6.80 -3.20
N THR A 17 -10.63 5.60 -2.95
CA THR A 17 -11.37 4.55 -2.28
C THR A 17 -10.45 3.34 -2.05
N GLY A 18 -10.92 2.33 -1.37
CA GLY A 18 -10.07 1.20 -1.03
C GLY A 18 -10.28 0.01 -1.93
N VAL A 19 -10.36 0.23 -3.23
CA VAL A 19 -10.61 -0.87 -4.16
C VAL A 19 -9.39 -1.77 -4.37
N LEU A 20 -8.27 -1.20 -4.80
CA LEU A 20 -7.06 -1.98 -5.06
C LEU A 20 -5.92 -1.49 -4.20
N TRP A 21 -6.22 -0.51 -3.39
CA TRP A 21 -5.23 0.12 -2.53
C TRP A 21 -5.70 -0.11 -1.12
N ARG A 22 -4.81 -0.16 -0.17
CA ARG A 22 -5.17 -0.65 1.15
C ARG A 22 -4.81 0.28 2.24
N SER A 23 -4.07 1.31 1.90
CA SER A 23 -3.41 2.16 2.83
C SER A 23 -2.34 1.33 3.46
N CYS A 24 -1.17 1.63 3.10
CA CYS A 24 0.00 0.82 3.38
C CYS A 24 0.13 0.37 4.85
N ASP A 25 -0.20 1.24 5.78
CA ASP A 25 -0.11 0.85 7.19
C ASP A 25 -1.12 -0.23 7.53
N SER A 26 -2.32 -0.11 6.96
CA SER A 26 -3.37 -1.04 7.23
C SER A 26 -3.03 -2.37 6.55
N TYR A 27 -2.54 -2.26 5.31
CA TYR A 27 -2.04 -3.39 4.55
C TYR A 27 -0.99 -4.18 5.35
N CYS A 28 0.11 -3.53 5.72
CA CYS A 28 1.18 -4.21 6.43
C CYS A 28 0.74 -4.78 7.78
N LYS A 29 -0.23 -4.15 8.42
CA LYS A 29 -0.73 -4.61 9.72
C LYS A 29 -1.33 -5.99 9.59
N VAL A 30 -2.26 -6.11 8.68
CA VAL A 30 -3.00 -7.27 8.47
C VAL A 30 -2.22 -8.31 7.66
N CYS A 31 -1.66 -7.87 6.58
CA CYS A 31 -1.04 -8.75 5.61
C CYS A 31 0.25 -9.40 6.13
N PHE A 32 1.20 -8.60 6.53
CA PHE A 32 2.53 -9.10 6.90
C PHE A 32 2.74 -9.09 8.41
N LYS A 33 1.69 -8.73 9.12
CA LYS A 33 1.71 -8.52 10.56
C LYS A 33 2.91 -7.69 10.99
N ALA A 34 2.93 -6.53 10.43
CA ALA A 34 3.99 -5.56 10.60
C ALA A 34 3.72 -4.51 11.67
N ASP A 35 4.77 -3.76 11.98
CA ASP A 35 4.76 -2.67 12.94
C ASP A 35 4.02 -1.57 12.31
N ARG A 36 4.38 -1.31 11.08
CA ARG A 36 3.70 -0.29 10.34
C ARG A 36 3.91 -0.53 8.88
N GLY A 37 3.17 0.18 8.10
CA GLY A 37 3.34 0.17 6.68
C GLY A 37 3.64 1.56 6.25
N GLU A 38 4.76 1.75 5.63
CA GLU A 38 5.16 3.06 5.23
C GLU A 38 4.85 3.27 3.76
N CYS A 39 3.85 4.07 3.56
CA CYS A 39 3.26 4.38 2.27
C CYS A 39 4.17 5.34 1.52
N TYR A 40 4.67 4.90 0.39
CA TYR A 40 5.55 5.71 -0.42
C TYR A 40 5.19 5.46 -1.86
N ASP A 41 5.53 6.35 -2.74
CA ASP A 41 5.32 6.13 -4.18
C ASP A 41 6.44 5.32 -4.72
N SER A 42 6.10 4.27 -5.39
CA SER A 42 7.08 3.39 -5.94
C SER A 42 7.62 3.89 -7.28
N PRO A 43 8.93 4.28 -7.31
CA PRO A 43 9.58 4.75 -8.54
C PRO A 43 9.81 3.58 -9.50
N SER A 44 9.64 2.38 -8.95
CA SER A 44 9.75 1.15 -9.70
C SER A 44 8.51 1.01 -10.61
N LEU A 45 7.48 1.75 -10.30
CA LEU A 45 6.29 1.79 -11.10
C LEU A 45 6.21 3.14 -11.76
N ASN A 46 6.21 4.19 -10.92
CA ASN A 46 6.11 5.59 -11.35
C ASN A 46 4.88 5.76 -12.24
N CYS A 47 3.84 5.07 -11.86
CA CYS A 47 2.62 4.99 -12.60
C CYS A 47 1.94 6.37 -12.74
N PRO A 48 1.33 6.65 -13.94
CA PRO A 48 0.62 7.90 -14.20
C PRO A 48 -0.40 8.25 -13.11
N HIS A 49 -0.47 9.52 -12.80
CA HIS A 49 -1.35 10.04 -11.75
C HIS A 49 -2.86 9.98 -12.10
N ARG A 50 -3.35 8.76 -12.06
CA ARG A 50 -4.73 8.33 -12.24
C ARG A 50 -4.63 6.82 -12.00
N LEU A 51 -3.72 6.56 -11.08
CA LEU A 51 -3.13 5.29 -10.83
C LEU A 51 -4.06 4.18 -10.31
N PRO A 52 -3.73 2.90 -10.64
CA PRO A 52 -4.55 1.72 -10.32
C PRO A 52 -3.96 0.63 -9.39
N ASN A 53 -2.72 0.25 -9.52
CA ASN A 53 -2.21 -0.87 -8.74
C ASN A 53 -0.99 -0.55 -7.97
N ASN A 54 -0.91 0.66 -7.44
CA ASN A 54 0.32 1.12 -6.74
C ASN A 54 0.78 0.19 -5.64
N LYS A 55 -0.17 -0.60 -5.06
CA LYS A 55 -0.05 -1.33 -3.78
C LYS A 55 1.42 -1.53 -3.32
N GLN A 56 1.90 -0.49 -2.63
CA GLN A 56 3.31 -0.24 -2.34
C GLN A 56 3.54 -0.09 -0.86
N CYS A 57 4.44 -0.88 -0.32
CA CYS A 57 4.64 -0.90 1.10
C CYS A 57 6.03 -1.15 1.59
N ARG A 58 6.26 -0.67 2.79
CA ARG A 58 7.39 -1.02 3.62
C ARG A 58 6.80 -1.50 4.91
N CYS A 59 6.84 -2.77 5.12
CA CYS A 59 6.27 -3.37 6.28
C CYS A 59 7.36 -3.60 7.28
N ILE A 60 7.39 -2.77 8.27
CA ILE A 60 8.46 -2.76 9.26
C ILE A 60 8.15 -3.79 10.26
N ASN A 61 9.16 -4.51 10.73
CA ASN A 61 8.99 -5.49 11.82
C ASN A 61 7.97 -6.56 11.48
N ALA A 62 7.74 -6.78 10.18
CA ALA A 62 6.76 -7.71 9.72
C ALA A 62 7.08 -9.12 10.21
N ARG A 63 6.06 -9.83 10.58
CA ARG A 63 6.23 -11.15 11.13
C ARG A 63 5.98 -12.20 10.09
N THR A 64 5.14 -11.92 9.15
CA THR A 64 4.80 -12.91 8.18
C THR A 64 5.20 -12.51 6.80
N ALA A 65 4.99 -13.45 5.92
CA ALA A 65 5.11 -13.27 4.51
C ALA A 65 3.81 -12.65 4.04
N LYS A 66 3.73 -12.25 2.77
CA LYS A 66 2.50 -11.66 2.25
C LYS A 66 1.33 -12.63 2.50
N ASP A 67 0.17 -12.09 2.68
CA ASP A 67 -0.96 -12.88 3.16
C ASP A 67 -1.80 -13.30 1.99
N ASN A 68 -2.24 -14.52 2.02
CA ASN A 68 -3.02 -15.07 0.95
C ASN A 68 -4.43 -15.43 1.37
N ARG A 69 -4.78 -15.12 2.60
CA ARG A 69 -6.12 -15.43 3.07
C ARG A 69 -6.95 -14.19 2.99
N ASN A 70 -6.28 -13.09 2.97
CA ASN A 70 -6.91 -11.80 2.84
C ASN A 70 -7.12 -11.46 1.38
N PRO A 71 -8.38 -11.25 0.95
CA PRO A 71 -8.70 -10.87 -0.45
C PRO A 71 -8.09 -9.51 -0.79
N THR A 72 -7.78 -8.77 0.24
CA THR A 72 -7.18 -7.49 0.15
C THR A 72 -5.69 -7.60 -0.21
N CYS A 73 -5.16 -8.79 -0.04
CA CYS A 73 -3.77 -9.07 -0.33
C CYS A 73 -3.60 -9.94 -1.55
N TRP A 74 -4.65 -10.15 -2.31
CA TRP A 74 -4.50 -10.93 -3.52
C TRP A 74 -3.93 -10.12 -4.65
N ALA A 75 -2.61 -10.17 -4.67
CA ALA A 75 -1.66 -9.59 -5.58
C ALA A 75 -0.39 -9.59 -4.75
N GLY A 1 4.86 10.96 -5.55
CA GLY A 1 4.61 10.82 -7.00
C GLY A 1 3.35 10.04 -7.27
N CYS A 2 3.25 8.86 -6.71
CA CYS A 2 2.09 8.01 -6.84
C CYS A 2 0.99 8.55 -5.95
N PHE A 3 0.16 9.34 -6.55
CA PHE A 3 -0.87 10.14 -5.92
C PHE A 3 -1.90 9.42 -5.03
N GLU A 4 -2.11 8.14 -5.17
CA GLU A 4 -3.05 7.48 -4.28
C GLU A 4 -2.39 7.15 -2.97
N ASP A 5 -1.40 6.27 -3.00
CA ASP A 5 -0.74 5.81 -1.78
C ASP A 5 0.08 6.90 -1.09
N TRP A 6 0.94 7.58 -1.85
CA TRP A 6 1.77 8.66 -1.29
C TRP A 6 0.93 9.71 -0.54
N SER A 7 -0.24 10.00 -1.09
CA SER A 7 -1.12 11.00 -0.51
C SER A 7 -1.86 10.49 0.71
N ARG A 8 -1.89 9.18 0.92
CA ARG A 8 -2.56 8.59 2.09
C ARG A 8 -1.82 8.97 3.35
N CYS A 9 -0.57 9.34 3.17
CA CYS A 9 0.28 9.73 4.25
C CYS A 9 0.64 11.21 4.15
N SER A 10 -0.04 11.92 3.26
CA SER A 10 0.21 13.33 3.09
C SER A 10 -0.78 14.14 3.92
N PRO A 11 -0.44 15.41 4.33
CA PRO A 11 -1.34 16.30 5.11
C PRO A 11 -2.70 16.51 4.42
N SER A 12 -2.70 16.35 3.13
CA SER A 12 -3.90 16.37 2.36
C SER A 12 -4.11 14.97 1.81
N THR A 13 -4.90 14.20 2.53
CA THR A 13 -5.15 12.84 2.20
C THR A 13 -6.06 12.69 0.98
N ALA A 14 -5.44 12.48 -0.16
CA ALA A 14 -6.18 12.23 -1.37
C ALA A 14 -6.41 10.74 -1.48
N SER A 15 -7.62 10.34 -1.78
CA SER A 15 -7.97 8.96 -1.89
C SER A 15 -9.14 8.81 -2.86
N ALA A 16 -8.97 7.98 -3.89
CA ALA A 16 -10.09 7.68 -4.76
C ALA A 16 -11.00 6.70 -4.05
N THR A 17 -10.38 5.68 -3.46
CA THR A 17 -11.07 4.65 -2.72
C THR A 17 -10.01 3.66 -2.18
N GLY A 18 -10.46 2.62 -1.50
CA GLY A 18 -9.54 1.69 -0.87
C GLY A 18 -9.50 0.34 -1.53
N VAL A 19 -9.87 0.30 -2.81
CA VAL A 19 -9.90 -0.93 -3.61
C VAL A 19 -8.59 -1.76 -3.50
N LEU A 20 -7.54 -1.33 -4.17
CA LEU A 20 -6.24 -2.00 -4.05
C LEU A 20 -5.33 -1.09 -3.28
N TRP A 21 -5.80 0.10 -3.11
CA TRP A 21 -5.03 1.14 -2.46
C TRP A 21 -5.56 1.33 -1.04
N ARG A 22 -5.01 0.57 -0.12
CA ARG A 22 -5.44 0.59 1.29
C ARG A 22 -4.51 1.42 2.11
N SER A 23 -3.59 2.07 1.40
CA SER A 23 -2.45 2.75 1.98
C SER A 23 -1.46 1.70 2.35
N CYS A 24 -0.27 2.07 2.48
CA CYS A 24 0.75 1.13 2.72
C CYS A 24 0.69 0.59 4.14
N ASP A 25 0.35 1.45 5.08
CA ASP A 25 0.31 1.06 6.48
C ASP A 25 -0.77 0.01 6.72
N SER A 26 -1.98 0.33 6.33
CA SER A 26 -3.09 -0.58 6.51
C SER A 26 -2.86 -1.89 5.73
N TYR A 27 -2.39 -1.78 4.49
CA TYR A 27 -2.00 -2.97 3.72
C TYR A 27 -0.98 -3.87 4.49
N CYS A 28 0.16 -3.30 4.91
CA CYS A 28 1.16 -4.09 5.62
C CYS A 28 0.66 -4.61 6.95
N LYS A 29 -0.31 -3.90 7.55
CA LYS A 29 -0.89 -4.28 8.83
C LYS A 29 -1.58 -5.62 8.69
N VAL A 30 -2.48 -5.68 7.73
CA VAL A 30 -3.30 -6.76 7.50
C VAL A 30 -2.57 -7.91 6.78
N CYS A 31 -1.86 -7.57 5.74
CA CYS A 31 -1.26 -8.55 4.87
C CYS A 31 -0.02 -9.19 5.47
N PHE A 32 1.01 -8.42 5.68
CA PHE A 32 2.29 -8.97 6.12
C PHE A 32 2.43 -8.91 7.62
N LYS A 33 1.33 -8.55 8.26
CA LYS A 33 1.25 -8.28 9.68
C LYS A 33 2.49 -7.59 10.24
N ALA A 34 2.74 -6.42 9.66
CA ALA A 34 3.84 -5.54 9.95
C ALA A 34 3.49 -4.54 11.02
N ASP A 35 4.50 -3.80 11.52
CA ASP A 35 4.24 -2.80 12.54
C ASP A 35 3.71 -1.61 11.84
N ARG A 36 4.25 -1.39 10.66
CA ARG A 36 3.73 -0.36 9.82
C ARG A 36 4.11 -0.61 8.39
N GLY A 37 3.50 0.12 7.53
CA GLY A 37 3.82 0.08 6.15
C GLY A 37 4.19 1.46 5.73
N GLU A 38 5.30 1.61 5.11
CA GLU A 38 5.76 2.91 4.76
C GLU A 38 5.47 3.19 3.31
N CYS A 39 4.60 4.14 3.13
CA CYS A 39 4.07 4.59 1.85
C CYS A 39 5.06 5.47 1.11
N TYR A 40 5.63 4.93 0.09
CA TYR A 40 6.54 5.66 -0.74
C TYR A 40 6.30 5.28 -2.17
N ASP A 41 6.74 6.12 -3.07
CA ASP A 41 6.55 5.94 -4.49
C ASP A 41 7.17 4.66 -5.01
N SER A 42 6.37 3.97 -5.81
CA SER A 42 6.73 2.77 -6.53
C SER A 42 8.16 2.77 -7.08
N PRO A 43 8.97 1.75 -6.74
CA PRO A 43 10.35 1.64 -7.24
C PRO A 43 10.37 1.36 -8.76
N SER A 44 9.25 0.90 -9.27
CA SER A 44 9.11 0.62 -10.69
C SER A 44 8.18 1.67 -11.34
N LEU A 45 7.88 2.72 -10.56
CA LEU A 45 7.01 3.85 -10.96
C LEU A 45 5.70 3.49 -11.64
N ASN A 46 4.70 3.20 -10.83
CA ASN A 46 3.37 2.92 -11.36
C ASN A 46 2.61 4.24 -11.44
N CYS A 47 3.25 5.27 -10.88
CA CYS A 47 2.75 6.64 -10.72
C CYS A 47 2.10 7.29 -11.97
N PRO A 48 2.76 7.30 -13.20
CA PRO A 48 2.17 7.96 -14.38
C PRO A 48 1.02 7.15 -14.98
N HIS A 49 -0.09 7.15 -14.28
CA HIS A 49 -1.29 6.40 -14.60
C HIS A 49 -2.39 7.01 -13.77
N ARG A 50 -3.60 6.46 -13.82
CA ARG A 50 -4.63 6.90 -12.88
C ARG A 50 -4.55 6.01 -11.61
N LEU A 51 -3.34 5.49 -11.41
CA LEU A 51 -3.00 4.58 -10.36
C LEU A 51 -3.96 3.46 -10.11
N PRO A 52 -3.87 2.39 -10.89
CA PRO A 52 -4.68 1.23 -10.66
C PRO A 52 -4.15 0.35 -9.58
N ASN A 53 -2.88 0.43 -9.35
CA ASN A 53 -2.26 -0.40 -8.35
C ASN A 53 -1.49 0.33 -7.33
N ASN A 54 -0.55 1.14 -7.82
CA ASN A 54 0.62 1.68 -7.05
C ASN A 54 1.35 0.64 -6.18
N LYS A 55 0.59 0.03 -5.26
CA LYS A 55 0.95 -1.03 -4.34
C LYS A 55 2.44 -1.08 -4.06
N GLN A 56 2.83 -0.15 -3.26
CA GLN A 56 4.19 0.14 -2.99
C GLN A 56 4.33 0.10 -1.49
N CYS A 57 5.17 -0.76 -0.98
CA CYS A 57 5.22 -0.96 0.44
C CYS A 57 6.47 -1.59 0.94
N ARG A 58 7.07 -0.96 1.91
CA ARG A 58 7.99 -1.69 2.72
C ARG A 58 7.30 -1.86 4.06
N CYS A 59 7.26 -3.05 4.53
CA CYS A 59 6.53 -3.40 5.69
C CYS A 59 7.52 -3.67 6.77
N ILE A 60 7.40 -2.95 7.83
CA ILE A 60 8.39 -2.98 8.90
C ILE A 60 7.93 -3.97 9.90
N ASN A 61 8.84 -4.80 10.40
CA ASN A 61 8.50 -5.83 11.39
C ASN A 61 7.43 -6.76 10.87
N ALA A 62 7.36 -6.91 9.55
CA ALA A 62 6.41 -7.78 8.96
C ALA A 62 6.65 -9.19 9.43
N ARG A 63 5.63 -9.82 9.90
CA ARG A 63 5.74 -11.12 10.48
C ARG A 63 5.41 -12.17 9.48
N THR A 64 4.61 -11.82 8.53
CA THR A 64 4.20 -12.79 7.57
C THR A 64 4.64 -12.45 6.18
N ALA A 65 4.52 -13.44 5.36
CA ALA A 65 4.76 -13.37 3.96
C ALA A 65 3.45 -12.99 3.30
N LYS A 66 3.47 -12.75 1.98
CA LYS A 66 2.30 -12.49 1.17
C LYS A 66 1.15 -13.37 1.65
N ASP A 67 0.16 -12.72 2.08
CA ASP A 67 -0.96 -13.34 2.76
C ASP A 67 -2.01 -13.77 1.76
N ASN A 68 -2.50 -14.97 1.91
CA ASN A 68 -3.55 -15.50 1.04
C ASN A 68 -4.84 -15.76 1.78
N ARG A 69 -4.85 -15.57 3.08
CA ARG A 69 -6.04 -15.83 3.85
C ARG A 69 -6.93 -14.62 3.83
N ASN A 70 -6.30 -13.55 3.55
CA ASN A 70 -6.93 -12.29 3.31
C ASN A 70 -7.36 -12.23 1.86
N PRO A 71 -8.68 -12.25 1.59
CA PRO A 71 -9.20 -12.18 0.20
C PRO A 71 -8.77 -10.87 -0.46
N THR A 72 -8.52 -9.88 0.35
CA THR A 72 -8.10 -8.59 -0.10
C THR A 72 -6.63 -8.58 -0.54
N CYS A 73 -5.88 -9.58 -0.12
CA CYS A 73 -4.49 -9.66 -0.48
C CYS A 73 -4.26 -10.44 -1.74
N TRP A 74 -5.30 -10.87 -2.40
CA TRP A 74 -5.12 -11.56 -3.65
C TRP A 74 -4.86 -10.58 -4.78
N ALA A 75 -3.57 -10.32 -4.95
CA ALA A 75 -2.97 -9.44 -5.91
C ALA A 75 -1.53 -9.33 -5.47
N GLY A 1 5.94 9.30 -9.15
CA GLY A 1 4.96 10.36 -8.87
C GLY A 1 3.57 9.80 -8.68
N CYS A 2 3.50 8.68 -8.03
CA CYS A 2 2.28 7.99 -7.78
C CYS A 2 1.64 8.49 -6.48
N PHE A 3 0.72 9.42 -6.64
CA PHE A 3 0.09 10.13 -5.54
C PHE A 3 -1.05 9.39 -4.83
N GLU A 4 -1.60 8.47 -5.49
CA GLU A 4 -2.88 7.86 -5.13
C GLU A 4 -2.81 7.01 -3.85
N ASP A 5 -2.00 5.93 -3.85
CA ASP A 5 -1.90 5.11 -2.64
C ASP A 5 -1.06 5.87 -1.64
N TRP A 6 -0.16 6.71 -2.18
CA TRP A 6 0.64 7.61 -1.36
C TRP A 6 -0.26 8.45 -0.42
N SER A 7 -1.28 9.06 -1.02
CA SER A 7 -2.20 9.91 -0.30
C SER A 7 -3.12 9.16 0.67
N ARG A 8 -3.21 7.84 0.55
CA ARG A 8 -4.07 7.07 1.45
C ARG A 8 -3.56 7.24 2.88
N CYS A 9 -2.26 7.33 3.00
CA CYS A 9 -1.63 7.42 4.28
C CYS A 9 -1.00 8.80 4.50
N SER A 10 -1.22 9.71 3.57
CA SER A 10 -0.65 11.02 3.69
C SER A 10 -1.79 12.04 3.89
N PRO A 11 -1.49 13.23 4.48
CA PRO A 11 -2.51 14.28 4.76
C PRO A 11 -3.23 14.83 3.52
N SER A 12 -2.84 14.38 2.36
CA SER A 12 -3.46 14.78 1.12
C SER A 12 -4.80 14.05 0.90
N THR A 13 -5.05 13.02 1.70
CA THR A 13 -6.32 12.31 1.66
C THR A 13 -6.59 11.67 3.02
N ALA A 14 -5.61 10.90 3.53
CA ALA A 14 -5.66 10.23 4.85
C ALA A 14 -6.80 9.22 4.96
N SER A 15 -7.33 8.83 3.83
CA SER A 15 -8.41 7.89 3.79
C SER A 15 -7.93 6.59 3.16
N ALA A 16 -7.99 5.52 3.92
CA ALA A 16 -7.59 4.21 3.45
C ALA A 16 -8.57 3.72 2.38
N THR A 17 -8.07 2.98 1.44
CA THR A 17 -8.87 2.46 0.36
C THR A 17 -8.30 1.11 -0.08
N GLY A 18 -9.07 0.06 0.07
CA GLY A 18 -8.60 -1.26 -0.27
C GLY A 18 -9.35 -1.83 -1.46
N VAL A 19 -8.65 -1.93 -2.57
CA VAL A 19 -9.16 -2.52 -3.80
C VAL A 19 -7.99 -2.72 -4.82
N LEU A 20 -7.67 -1.72 -5.61
CA LEU A 20 -6.52 -1.81 -6.53
C LEU A 20 -5.31 -1.33 -5.78
N TRP A 21 -5.61 -0.64 -4.73
CA TRP A 21 -4.67 -0.04 -3.83
C TRP A 21 -4.96 -0.68 -2.51
N ARG A 22 -4.11 -0.54 -1.55
CA ARG A 22 -4.35 -1.20 -0.28
C ARG A 22 -4.28 -0.29 0.86
N SER A 23 -3.61 0.84 0.64
CA SER A 23 -3.18 1.70 1.68
C SER A 23 -2.22 0.89 2.49
N CYS A 24 -1.03 1.09 2.18
CA CYS A 24 0.07 0.21 2.58
C CYS A 24 0.09 -0.18 4.07
N ASP A 25 -0.14 0.76 4.97
CA ASP A 25 -0.08 0.40 6.40
C ASP A 25 -1.20 -0.57 6.75
N SER A 26 -2.33 -0.48 6.06
CA SER A 26 -3.45 -1.32 6.36
C SER A 26 -3.13 -2.71 5.86
N TYR A 27 -2.61 -2.78 4.63
CA TYR A 27 -2.13 -4.00 4.03
C TYR A 27 -1.11 -4.71 4.93
N CYS A 28 -0.07 -3.99 5.29
CA CYS A 28 0.99 -4.54 6.09
C CYS A 28 0.53 -5.01 7.46
N LYS A 29 -0.42 -4.30 8.06
CA LYS A 29 -0.90 -4.69 9.39
C LYS A 29 -1.65 -6.00 9.32
N VAL A 30 -2.53 -6.08 8.38
CA VAL A 30 -3.38 -7.16 8.21
C VAL A 30 -2.66 -8.39 7.62
N CYS A 31 -1.84 -8.16 6.65
CA CYS A 31 -1.22 -9.24 5.91
C CYS A 31 0.01 -9.84 6.59
N PHE A 32 1.06 -9.07 6.70
CA PHE A 32 2.37 -9.58 7.19
C PHE A 32 2.59 -9.23 8.65
N LYS A 33 1.57 -8.64 9.22
CA LYS A 33 1.59 -8.06 10.55
C LYS A 33 2.85 -7.24 10.76
N ALA A 34 2.99 -6.29 9.90
CA ALA A 34 4.13 -5.40 9.90
C ALA A 34 4.06 -4.36 10.96
N ASP A 35 5.19 -3.73 11.21
CA ASP A 35 5.26 -2.72 12.24
C ASP A 35 4.63 -1.49 11.66
N ARG A 36 4.97 -1.22 10.43
CA ARG A 36 4.37 -0.15 9.71
C ARG A 36 4.40 -0.49 8.25
N GLY A 37 3.51 0.10 7.52
CA GLY A 37 3.49 -0.04 6.11
C GLY A 37 3.63 1.31 5.50
N GLU A 38 4.60 1.47 4.66
CA GLU A 38 4.87 2.75 4.10
C GLU A 38 4.31 2.91 2.71
N CYS A 39 3.26 3.69 2.65
CA CYS A 39 2.56 4.03 1.44
C CYS A 39 3.36 5.11 0.76
N TYR A 40 4.18 4.73 -0.18
CA TYR A 40 5.10 5.66 -0.78
C TYR A 40 5.02 5.55 -2.27
N ASP A 41 5.40 6.59 -2.96
CA ASP A 41 5.49 6.56 -4.39
C ASP A 41 6.64 5.72 -4.79
N SER A 42 6.36 4.75 -5.59
CA SER A 42 7.38 3.86 -6.06
C SER A 42 8.12 4.43 -7.29
N PRO A 43 9.42 4.82 -7.13
CA PRO A 43 10.21 5.40 -8.23
C PRO A 43 10.46 4.41 -9.36
N SER A 44 10.41 3.13 -9.03
CA SER A 44 10.61 2.07 -9.98
C SER A 44 9.29 1.72 -10.68
N LEU A 45 8.27 2.48 -10.36
CA LEU A 45 6.94 2.31 -10.88
C LEU A 45 6.43 3.74 -11.16
N ASN A 46 7.41 4.64 -11.37
CA ASN A 46 7.19 6.08 -11.55
C ASN A 46 6.16 6.37 -12.64
N CYS A 47 4.98 6.64 -12.19
CA CYS A 47 3.88 6.91 -13.06
C CYS A 47 3.77 8.42 -13.33
N PRO A 48 3.54 8.79 -14.59
CA PRO A 48 3.35 10.20 -14.96
C PRO A 48 1.90 10.64 -14.72
N HIS A 49 1.44 10.56 -13.45
CA HIS A 49 0.05 10.89 -13.00
C HIS A 49 -1.03 10.14 -13.78
N ARG A 50 -0.68 8.98 -14.25
CA ARG A 50 -1.58 8.08 -14.94
C ARG A 50 -1.50 6.75 -14.23
N LEU A 51 -1.42 6.85 -12.93
CA LEU A 51 -1.15 5.73 -12.06
C LEU A 51 -2.22 4.65 -11.91
N PRO A 52 -3.43 4.95 -11.32
CA PRO A 52 -4.43 4.03 -10.77
C PRO A 52 -4.07 2.58 -10.32
N ASN A 53 -2.87 2.17 -10.50
CA ASN A 53 -2.38 0.88 -10.08
C ASN A 53 -1.16 0.95 -9.20
N ASN A 54 -0.94 2.10 -8.55
CA ASN A 54 0.23 2.29 -7.62
C ASN A 54 0.05 1.49 -6.31
N LYS A 55 -0.21 0.24 -6.46
CA LYS A 55 -0.29 -0.70 -5.38
C LYS A 55 1.12 -0.93 -4.83
N GLN A 56 1.53 0.01 -4.01
CA GLN A 56 2.85 0.14 -3.48
C GLN A 56 2.81 -0.15 -2.02
N CYS A 57 3.83 -0.82 -1.49
CA CYS A 57 3.80 -1.11 -0.09
C CYS A 57 5.15 -1.61 0.43
N ARG A 58 5.57 -1.08 1.59
CA ARG A 58 6.76 -1.52 2.28
C ARG A 58 6.33 -1.99 3.69
N CYS A 59 6.44 -3.28 3.95
CA CYS A 59 6.07 -3.84 5.22
C CYS A 59 7.31 -3.99 6.07
N ILE A 60 7.41 -3.20 7.09
CA ILE A 60 8.59 -3.14 7.91
C ILE A 60 8.42 -4.02 9.08
N ASN A 61 9.49 -4.75 9.45
CA ASN A 61 9.50 -5.53 10.70
C ASN A 61 8.35 -6.50 10.78
N ALA A 62 7.95 -7.00 9.62
CA ALA A 62 6.82 -7.90 9.52
C ALA A 62 6.97 -9.09 10.42
N ARG A 63 5.94 -9.35 11.21
CA ARG A 63 5.98 -10.39 12.19
C ARG A 63 5.74 -11.73 11.52
N THR A 64 4.94 -11.71 10.47
CA THR A 64 4.59 -12.95 9.81
C THR A 64 4.98 -12.95 8.36
N ALA A 65 4.67 -14.05 7.75
CA ALA A 65 4.78 -14.23 6.32
C ALA A 65 3.49 -13.67 5.75
N LYS A 66 3.36 -13.56 4.43
CA LYS A 66 2.14 -13.01 3.91
C LYS A 66 0.96 -13.90 4.23
N ASP A 67 -0.20 -13.35 4.16
CA ASP A 67 -1.38 -14.06 4.60
C ASP A 67 -2.11 -14.54 3.38
N ASN A 68 -2.76 -15.65 3.47
CA ASN A 68 -3.46 -16.20 2.30
C ASN A 68 -4.95 -16.21 2.51
N ARG A 69 -5.38 -15.93 3.71
CA ARG A 69 -6.79 -16.00 4.07
C ARG A 69 -7.41 -14.67 3.77
N ASN A 70 -6.62 -13.64 3.96
CA ASN A 70 -7.07 -12.29 3.81
C ASN A 70 -7.25 -11.95 2.35
N PRO A 71 -8.46 -11.50 1.94
CA PRO A 71 -8.73 -11.07 0.57
C PRO A 71 -7.84 -9.88 0.18
N THR A 72 -7.43 -9.14 1.19
CA THR A 72 -6.59 -7.99 1.04
C THR A 72 -5.14 -8.40 0.71
N CYS A 73 -4.84 -9.68 0.87
CA CYS A 73 -3.52 -10.20 0.58
C CYS A 73 -3.44 -10.78 -0.80
N TRP A 74 -4.52 -10.69 -1.53
CA TRP A 74 -4.48 -11.08 -2.89
C TRP A 74 -4.12 -9.83 -3.63
N ALA A 75 -2.82 -9.66 -3.81
CA ALA A 75 -2.20 -8.47 -4.38
C ALA A 75 -2.77 -8.04 -5.73
N GLY A 1 6.09 9.48 -8.47
CA GLY A 1 5.06 10.34 -7.86
C GLY A 1 3.73 9.63 -7.79
N CYS A 2 3.77 8.41 -7.30
CA CYS A 2 2.62 7.56 -7.22
C CYS A 2 1.70 8.00 -6.10
N PHE A 3 0.71 8.74 -6.52
CA PHE A 3 -0.20 9.45 -5.67
C PHE A 3 -1.26 8.62 -4.92
N GLU A 4 -1.80 7.54 -5.49
CA GLU A 4 -2.89 6.78 -4.83
C GLU A 4 -2.52 6.28 -3.42
N ASP A 5 -1.53 5.39 -3.28
CA ASP A 5 -1.24 4.87 -1.94
C ASP A 5 -0.57 5.94 -1.08
N TRP A 6 0.26 6.79 -1.70
CA TRP A 6 0.87 7.92 -0.98
C TRP A 6 -0.21 8.84 -0.34
N SER A 7 -1.28 9.12 -1.07
CA SER A 7 -2.30 10.03 -0.55
C SER A 7 -3.09 9.44 0.59
N ARG A 8 -3.00 8.12 0.76
CA ARG A 8 -3.70 7.43 1.82
C ARG A 8 -3.09 7.80 3.17
N CYS A 9 -1.83 8.24 3.14
CA CYS A 9 -1.15 8.65 4.35
C CYS A 9 -0.78 10.13 4.31
N SER A 10 -0.95 10.75 3.16
CA SER A 10 -0.66 12.15 3.01
C SER A 10 -1.94 12.91 3.33
N PRO A 11 -1.84 14.18 3.79
CA PRO A 11 -3.01 15.02 4.01
C PRO A 11 -3.71 15.35 2.67
N SER A 12 -4.44 14.39 2.18
CA SER A 12 -5.18 14.49 0.96
C SER A 12 -6.43 13.63 1.10
N THR A 13 -6.22 12.35 1.37
CA THR A 13 -7.30 11.44 1.58
C THR A 13 -6.81 10.25 2.43
N ALA A 14 -6.67 10.52 3.71
CA ALA A 14 -6.11 9.57 4.64
C ALA A 14 -7.07 8.44 4.91
N SER A 15 -6.53 7.22 4.85
CA SER A 15 -7.27 5.98 5.13
C SER A 15 -8.41 5.72 4.12
N ALA A 16 -8.30 6.32 2.94
CA ALA A 16 -9.30 6.18 1.88
C ALA A 16 -9.45 4.74 1.40
N THR A 17 -10.62 4.44 0.88
CA THR A 17 -10.93 3.15 0.34
C THR A 17 -10.00 2.82 -0.84
N GLY A 18 -9.20 1.80 -0.67
CA GLY A 18 -8.29 1.43 -1.68
C GLY A 18 -7.97 -0.04 -1.58
N VAL A 19 -7.72 -0.65 -2.71
CA VAL A 19 -7.45 -2.07 -2.79
C VAL A 19 -5.95 -2.34 -2.74
N LEU A 20 -5.28 -2.13 -3.87
CA LEU A 20 -3.85 -2.33 -3.99
C LEU A 20 -3.17 -1.07 -3.55
N TRP A 21 -4.00 -0.15 -3.13
CA TRP A 21 -3.60 1.14 -2.59
C TRP A 21 -4.45 1.36 -1.35
N ARG A 22 -4.28 0.47 -0.39
CA ARG A 22 -5.02 0.47 0.85
C ARG A 22 -4.63 1.68 1.63
N SER A 23 -3.39 1.72 1.86
CA SER A 23 -2.57 2.58 2.64
C SER A 23 -1.55 1.60 3.00
N CYS A 24 -0.36 1.80 2.64
CA CYS A 24 0.66 0.80 2.89
C CYS A 24 0.76 0.40 4.36
N ASP A 25 0.58 1.36 5.25
CA ASP A 25 0.59 1.06 6.67
C ASP A 25 -0.54 0.09 7.02
N SER A 26 -1.75 0.45 6.64
CA SER A 26 -2.92 -0.37 6.89
C SER A 26 -2.78 -1.73 6.18
N TYR A 27 -2.43 -1.70 4.88
CA TYR A 27 -2.11 -2.93 4.15
C TYR A 27 -1.12 -3.84 4.91
N CYS A 28 0.08 -3.34 5.23
CA CYS A 28 1.10 -4.14 5.90
C CYS A 28 0.66 -4.60 7.28
N LYS A 29 -0.17 -3.79 7.94
CA LYS A 29 -0.64 -4.05 9.30
C LYS A 29 -1.35 -5.38 9.37
N VAL A 30 -2.14 -5.63 8.36
CA VAL A 30 -2.93 -6.75 8.25
C VAL A 30 -2.24 -7.86 7.43
N CYS A 31 -1.83 -7.52 6.23
CA CYS A 31 -1.36 -8.49 5.24
C CYS A 31 -0.07 -9.19 5.66
N PHE A 32 0.86 -8.45 6.19
CA PHE A 32 2.12 -9.02 6.60
C PHE A 32 2.26 -8.91 8.11
N LYS A 33 1.17 -8.52 8.76
CA LYS A 33 1.12 -8.25 10.21
C LYS A 33 2.24 -7.39 10.71
N ALA A 34 2.62 -6.51 9.87
CA ALA A 34 3.74 -5.60 10.08
C ALA A 34 3.46 -4.54 11.13
N ASP A 35 4.52 -3.85 11.53
CA ASP A 35 4.47 -2.77 12.51
C ASP A 35 4.00 -1.55 11.81
N ARG A 36 4.50 -1.34 10.62
CA ARG A 36 4.05 -0.22 9.83
C ARG A 36 4.38 -0.45 8.39
N GLY A 37 3.82 0.36 7.55
CA GLY A 37 4.07 0.25 6.16
C GLY A 37 4.41 1.59 5.59
N GLU A 38 5.31 1.60 4.65
CA GLU A 38 5.73 2.82 4.03
C GLU A 38 5.02 3.01 2.72
N CYS A 39 4.11 3.93 2.72
CA CYS A 39 3.23 4.25 1.58
C CYS A 39 3.88 5.23 0.64
N TYR A 40 5.13 5.02 0.48
CA TYR A 40 5.95 5.92 -0.29
C TYR A 40 5.82 5.62 -1.76
N ASP A 41 6.07 6.60 -2.53
CA ASP A 41 6.06 6.48 -3.96
C ASP A 41 7.17 5.64 -4.47
N SER A 42 6.81 4.64 -5.18
CA SER A 42 7.78 3.84 -5.85
C SER A 42 7.90 4.29 -7.32
N PRO A 43 8.99 5.02 -7.68
CA PRO A 43 9.18 5.55 -9.04
C PRO A 43 9.79 4.50 -9.99
N SER A 44 9.61 3.26 -9.65
CA SER A 44 10.17 2.17 -10.42
C SER A 44 9.07 1.46 -11.24
N LEU A 45 7.95 2.12 -11.38
CA LEU A 45 6.84 1.57 -12.10
C LEU A 45 6.28 2.62 -13.06
N ASN A 46 5.30 2.24 -13.89
CA ASN A 46 4.70 3.19 -14.86
C ASN A 46 3.71 4.12 -14.15
N CYS A 47 4.29 4.98 -13.37
CA CYS A 47 3.62 5.84 -12.43
C CYS A 47 2.75 6.99 -13.03
N PRO A 48 3.13 7.70 -14.15
CA PRO A 48 2.27 8.77 -14.70
C PRO A 48 0.97 8.21 -15.30
N HIS A 49 -0.01 7.96 -14.43
CA HIS A 49 -1.30 7.35 -14.73
C HIS A 49 -2.13 7.48 -13.51
N ARG A 50 -3.43 7.24 -13.56
CA ARG A 50 -4.09 7.02 -12.32
C ARG A 50 -3.73 5.62 -11.97
N LEU A 51 -3.21 5.47 -10.83
CA LEU A 51 -2.52 4.28 -10.44
C LEU A 51 -3.41 3.12 -10.20
N PRO A 52 -3.23 2.06 -10.96
CA PRO A 52 -3.83 0.82 -10.63
C PRO A 52 -2.87 -0.08 -9.86
N ASN A 53 -1.61 -0.03 -10.21
CA ASN A 53 -0.65 -0.97 -9.69
C ASN A 53 0.54 -0.33 -9.02
N ASN A 54 0.35 0.78 -8.33
CA ASN A 54 1.49 1.41 -7.61
C ASN A 54 1.99 0.51 -6.52
N LYS A 55 1.13 -0.48 -6.16
CA LYS A 55 1.24 -1.35 -4.98
C LYS A 55 2.61 -1.34 -4.34
N GLN A 56 2.78 -0.34 -3.54
CA GLN A 56 4.03 0.03 -2.98
C GLN A 56 3.96 -0.19 -1.51
N CYS A 57 4.84 -1.03 -1.01
CA CYS A 57 4.79 -1.37 0.36
C CYS A 57 6.07 -1.87 0.91
N ARG A 58 6.48 -1.26 1.96
CA ARG A 58 7.52 -1.79 2.78
C ARG A 58 6.94 -2.01 4.13
N CYS A 59 7.03 -3.22 4.58
CA CYS A 59 6.36 -3.65 5.77
C CYS A 59 7.39 -3.91 6.82
N ILE A 60 7.40 -3.09 7.81
CA ILE A 60 8.41 -3.13 8.86
C ILE A 60 7.97 -4.12 9.86
N ASN A 61 8.90 -4.96 10.32
CA ASN A 61 8.61 -5.94 11.39
C ASN A 61 7.50 -6.88 10.99
N ALA A 62 7.36 -7.13 9.70
CA ALA A 62 6.34 -8.01 9.19
C ALA A 62 6.49 -9.40 9.83
N ARG A 63 5.39 -9.99 10.14
CA ARG A 63 5.36 -11.26 10.84
C ARG A 63 4.86 -12.35 9.94
N THR A 64 4.09 -11.98 8.96
CA THR A 64 3.55 -12.96 8.06
C THR A 64 4.04 -12.75 6.66
N ALA A 65 3.79 -13.73 5.84
CA ALA A 65 4.10 -13.67 4.44
C ALA A 65 2.95 -12.96 3.76
N LYS A 66 3.09 -12.64 2.48
CA LYS A 66 2.02 -11.96 1.79
C LYS A 66 0.78 -12.85 1.78
N ASP A 67 -0.34 -12.24 1.94
CA ASP A 67 -1.58 -12.97 2.15
C ASP A 67 -2.36 -13.10 0.86
N ASN A 68 -3.04 -14.20 0.69
CA ASN A 68 -3.78 -14.44 -0.53
C ASN A 68 -5.28 -14.53 -0.33
N ARG A 69 -5.72 -14.30 0.87
CA ARG A 69 -7.13 -14.37 1.18
C ARG A 69 -7.69 -12.99 1.05
N ASN A 70 -6.90 -12.09 1.53
CA ASN A 70 -7.23 -10.68 1.55
C ASN A 70 -7.26 -10.11 0.15
N PRO A 71 -8.39 -9.49 -0.27
CA PRO A 71 -8.56 -8.92 -1.62
C PRO A 71 -7.54 -7.83 -1.92
N THR A 72 -7.12 -7.13 -0.90
CA THR A 72 -6.15 -6.07 -1.00
C THR A 72 -4.77 -6.66 -1.30
N CYS A 73 -4.62 -7.92 -0.98
CA CYS A 73 -3.38 -8.60 -1.13
C CYS A 73 -3.37 -9.45 -2.39
N TRP A 74 -4.38 -9.30 -3.25
CA TRP A 74 -4.39 -10.03 -4.49
C TRP A 74 -3.48 -9.39 -5.51
N ALA A 75 -2.26 -9.86 -5.42
CA ALA A 75 -1.09 -9.56 -6.19
C ALA A 75 0.00 -9.92 -5.22
N GLY A 1 5.57 8.70 -10.49
CA GLY A 1 4.75 9.89 -10.32
C GLY A 1 3.35 9.49 -9.89
N CYS A 2 3.26 8.46 -9.11
CA CYS A 2 2.01 7.96 -8.64
C CYS A 2 1.78 8.40 -7.20
N PHE A 3 0.87 9.34 -7.06
CA PHE A 3 0.62 10.03 -5.82
C PHE A 3 -0.24 9.30 -4.78
N GLU A 4 -1.28 8.62 -5.22
CA GLU A 4 -2.28 8.03 -4.31
C GLU A 4 -1.76 7.11 -3.23
N ASP A 5 -1.17 5.96 -3.57
CA ASP A 5 -0.77 5.01 -2.50
C ASP A 5 0.42 5.58 -1.75
N TRP A 6 1.22 6.39 -2.46
CA TRP A 6 2.31 7.12 -1.85
C TRP A 6 1.77 8.11 -0.77
N SER A 7 0.61 8.65 -1.00
CA SER A 7 -0.03 9.52 -0.04
C SER A 7 -0.80 8.76 1.03
N ARG A 8 -1.09 7.48 0.80
CA ARG A 8 -2.00 6.69 1.68
C ARG A 8 -1.48 6.40 3.09
N CYS A 9 -0.39 7.02 3.45
CA CYS A 9 0.11 6.98 4.81
C CYS A 9 -0.49 8.15 5.57
N SER A 10 -1.11 9.05 4.84
CA SER A 10 -1.79 10.16 5.42
C SER A 10 -3.19 9.69 5.85
N PRO A 11 -3.54 9.81 7.14
CA PRO A 11 -4.84 9.39 7.64
C PRO A 11 -5.99 10.24 7.07
N SER A 12 -6.53 9.77 5.97
CA SER A 12 -7.61 10.42 5.29
C SER A 12 -8.21 9.45 4.29
N THR A 13 -9.35 9.81 3.76
CA THR A 13 -10.01 9.04 2.77
C THR A 13 -9.38 9.30 1.40
N ALA A 14 -8.81 10.51 1.27
CA ALA A 14 -8.13 11.01 0.07
C ALA A 14 -9.11 11.19 -1.09
N SER A 15 -9.49 10.10 -1.69
CA SER A 15 -10.43 10.10 -2.77
C SER A 15 -11.13 8.75 -2.79
N ALA A 16 -10.41 7.72 -3.20
CA ALA A 16 -10.95 6.38 -3.24
C ALA A 16 -11.08 5.81 -1.83
N THR A 17 -12.24 5.99 -1.28
CA THR A 17 -12.55 5.55 0.04
C THR A 17 -12.86 4.05 0.04
N GLY A 18 -12.38 3.36 1.06
CA GLY A 18 -12.53 1.94 1.14
C GLY A 18 -11.20 1.29 0.87
N VAL A 19 -11.18 -0.02 0.64
CA VAL A 19 -9.93 -0.65 0.34
C VAL A 19 -9.67 -0.56 -1.13
N LEU A 20 -9.17 0.55 -1.47
CA LEU A 20 -8.76 0.90 -2.79
C LEU A 20 -7.51 1.67 -2.60
N TRP A 21 -6.39 0.99 -2.74
CA TRP A 21 -5.04 1.55 -2.55
C TRP A 21 -4.83 1.96 -1.08
N ARG A 22 -4.77 0.95 -0.28
CA ARG A 22 -4.51 1.03 1.15
C ARG A 22 -3.35 0.12 1.40
N SER A 23 -2.83 -0.30 0.27
CA SER A 23 -1.84 -1.30 0.04
C SER A 23 -0.56 -1.10 0.83
N CYS A 24 -0.34 0.09 1.33
CA CYS A 24 0.83 0.29 2.07
C CYS A 24 0.66 -0.01 3.60
N ASP A 25 0.59 1.04 4.45
CA ASP A 25 0.63 0.88 5.92
C ASP A 25 -0.48 -0.03 6.48
N SER A 26 -1.67 0.11 5.93
CA SER A 26 -2.81 -0.66 6.40
C SER A 26 -2.69 -2.14 5.96
N TYR A 27 -2.30 -2.34 4.73
CA TYR A 27 -2.17 -3.68 4.16
C TYR A 27 -1.00 -4.42 4.82
N CYS A 28 0.09 -3.72 5.09
CA CYS A 28 1.22 -4.31 5.77
C CYS A 28 0.83 -4.84 7.15
N LYS A 29 -0.19 -4.22 7.78
CA LYS A 29 -0.69 -4.67 9.10
C LYS A 29 -1.30 -6.04 9.00
N VAL A 30 -2.22 -6.16 8.09
CA VAL A 30 -3.01 -7.29 7.92
C VAL A 30 -2.25 -8.43 7.24
N CYS A 31 -1.55 -8.09 6.19
CA CYS A 31 -0.93 -9.07 5.37
C CYS A 31 0.39 -9.58 5.92
N PHE A 32 1.38 -8.73 6.03
CA PHE A 32 2.70 -9.14 6.47
C PHE A 32 2.87 -8.96 7.97
N LYS A 33 1.77 -8.57 8.59
CA LYS A 33 1.66 -8.29 10.02
C LYS A 33 2.82 -7.42 10.50
N ALA A 34 3.13 -6.45 9.65
CA ALA A 34 4.18 -5.48 9.80
C ALA A 34 3.78 -4.39 10.75
N ASP A 35 4.74 -3.55 11.09
CA ASP A 35 4.48 -2.50 12.00
C ASP A 35 3.98 -1.32 11.23
N ARG A 36 4.71 -0.98 10.17
CA ARG A 36 4.32 0.18 9.38
C ARG A 36 4.48 -0.15 7.93
N GLY A 37 4.13 0.79 7.14
CA GLY A 37 4.33 0.74 5.74
C GLY A 37 4.88 2.08 5.33
N GLU A 38 5.81 2.07 4.42
CA GLU A 38 6.36 3.26 3.93
C GLU A 38 5.79 3.51 2.54
N CYS A 39 4.93 4.49 2.44
CA CYS A 39 4.27 4.84 1.19
C CYS A 39 5.21 5.68 0.36
N TYR A 40 5.63 5.15 -0.76
CA TYR A 40 6.47 5.87 -1.68
C TYR A 40 5.99 5.66 -3.09
N ASP A 41 6.41 6.53 -3.98
CA ASP A 41 6.11 6.41 -5.40
C ASP A 41 7.02 5.38 -6.05
N SER A 42 6.49 4.74 -7.07
CA SER A 42 7.13 3.75 -7.88
C SER A 42 8.65 4.04 -8.19
N PRO A 43 9.58 3.23 -7.60
CA PRO A 43 11.01 3.42 -7.79
C PRO A 43 11.65 2.54 -8.91
N SER A 44 11.26 1.28 -8.99
CA SER A 44 11.84 0.32 -9.95
C SER A 44 11.33 0.59 -11.37
N LEU A 45 10.24 1.25 -11.41
CA LEU A 45 9.57 1.69 -12.58
C LEU A 45 8.85 2.88 -12.11
N ASN A 46 8.68 3.88 -12.90
CA ASN A 46 8.00 5.04 -12.39
C ASN A 46 6.80 5.33 -13.23
N CYS A 47 5.65 5.20 -12.63
CA CYS A 47 4.41 5.40 -13.33
C CYS A 47 4.00 6.88 -13.30
N PRO A 48 3.76 7.49 -14.46
CA PRO A 48 3.34 8.87 -14.53
C PRO A 48 1.83 9.01 -14.26
N HIS A 49 1.48 8.97 -12.96
CA HIS A 49 0.10 9.00 -12.47
C HIS A 49 -0.81 7.94 -13.09
N ARG A 50 -2.14 8.13 -12.99
CA ARG A 50 -3.18 7.12 -13.32
C ARG A 50 -3.25 6.17 -12.16
N LEU A 51 -2.09 5.55 -11.88
CA LEU A 51 -1.75 4.69 -10.70
C LEU A 51 -2.73 3.56 -10.17
N PRO A 52 -3.54 2.90 -10.99
CA PRO A 52 -4.43 1.84 -10.52
C PRO A 52 -3.67 0.68 -9.90
N ASN A 53 -2.39 0.67 -10.11
CA ASN A 53 -1.56 -0.39 -9.61
C ASN A 53 -0.43 0.12 -8.80
N ASN A 54 -0.54 1.34 -8.25
CA ASN A 54 0.61 1.94 -7.50
C ASN A 54 0.81 1.35 -6.10
N LYS A 55 0.71 0.06 -6.01
CA LYS A 55 1.04 -0.63 -4.80
C LYS A 55 2.56 -0.77 -4.68
N GLN A 56 3.19 0.19 -4.09
CA GLN A 56 4.58 0.07 -3.80
C GLN A 56 4.81 0.58 -2.41
N CYS A 57 5.30 -0.28 -1.59
CA CYS A 57 5.43 0.00 -0.20
C CYS A 57 6.24 -1.07 0.44
N ARG A 58 7.14 -0.67 1.30
CA ARG A 58 7.85 -1.63 2.10
C ARG A 58 7.23 -1.67 3.50
N CYS A 59 7.05 -2.86 3.97
CA CYS A 59 6.43 -3.11 5.22
C CYS A 59 7.51 -3.24 6.26
N ILE A 60 7.40 -2.46 7.27
CA ILE A 60 8.41 -2.36 8.29
C ILE A 60 8.10 -3.34 9.32
N ASN A 61 9.10 -4.11 9.73
CA ASN A 61 8.95 -5.08 10.80
C ASN A 61 7.92 -6.11 10.38
N ALA A 62 7.88 -6.41 9.09
CA ALA A 62 6.98 -7.40 8.59
C ALA A 62 7.41 -8.72 9.17
N ARG A 63 6.48 -9.39 9.79
CA ARG A 63 6.79 -10.56 10.55
C ARG A 63 6.25 -11.80 9.93
N THR A 64 5.51 -11.62 8.90
CA THR A 64 5.03 -12.75 8.17
C THR A 64 5.32 -12.61 6.71
N ALA A 65 5.04 -13.67 6.02
CA ALA A 65 5.07 -13.72 4.58
C ALA A 65 3.78 -13.08 4.11
N LYS A 66 3.62 -12.86 2.80
CA LYS A 66 2.38 -12.27 2.34
C LYS A 66 1.21 -13.17 2.73
N ASP A 67 0.09 -12.57 2.94
CA ASP A 67 -1.02 -13.29 3.53
C ASP A 67 -1.94 -13.83 2.45
N ASN A 68 -2.29 -15.09 2.57
CA ASN A 68 -3.14 -15.75 1.59
C ASN A 68 -4.49 -16.14 2.22
N ARG A 69 -4.62 -15.97 3.52
CA ARG A 69 -5.83 -16.37 4.21
C ARG A 69 -6.87 -15.28 4.13
N ASN A 70 -6.37 -14.11 4.06
CA ASN A 70 -7.19 -12.93 3.94
C ASN A 70 -7.48 -12.63 2.47
N PRO A 71 -8.77 -12.64 2.07
CA PRO A 71 -9.17 -12.31 0.70
C PRO A 71 -8.69 -10.92 0.26
N THR A 72 -8.61 -9.97 1.18
CA THR A 72 -8.14 -8.64 0.82
C THR A 72 -6.62 -8.56 0.75
N CYS A 73 -5.94 -9.64 1.12
CA CYS A 73 -4.51 -9.73 0.93
C CYS A 73 -4.20 -10.43 -0.39
N TRP A 74 -5.23 -10.76 -1.16
CA TRP A 74 -5.01 -11.33 -2.45
C TRP A 74 -4.72 -10.25 -3.46
N ALA A 75 -3.44 -9.97 -3.52
CA ALA A 75 -2.76 -9.03 -4.35
C ALA A 75 -1.41 -8.90 -3.68
#